data_9BPC
#
_entry.id   9BPC
#
_cell.length_a   1.00
_cell.length_b   1.00
_cell.length_c   1.00
_cell.angle_alpha   90.00
_cell.angle_beta   90.00
_cell.angle_gamma   90.00
#
_symmetry.space_group_name_H-M   'P 1'
#
loop_
_entity.id
_entity.type
_entity.pdbx_description
1 polymer 'P2X purinoceptor'
2 branched 2-acetamido-2-deoxy-beta-D-glucopyranose-(1-4)-2-acetamido-2-deoxy-beta-D-glucopyranose
3 non-polymer Camlipixant
4 non-polymer 2-acetamido-2-deoxy-beta-D-glucopyranose
#
_entity_poly.entity_id   1
_entity_poly.type   'polypeptide(L)'
_entity_poly.pdbx_seq_one_letter_code
;GSDFFTYETTKSVVVKSWTIGVINRAVQLLIISYFVGWVFLHEKAYQVRDTAIESSVVTKVKGFGRYANRVMDVSDYVTP
PQGTSVFVIITKMIVTENQMQGFCPESEEKYRCVSDSQCGPQRFPGGGILTGRCVNYSSTLRTCEIQGWCPTEVDTVEMP
VMMEAENFTIFIKNSIRFPLFNFEKGNLLPNLTAADMKTCRFHPDKAPFCPILRVGDVVKFAGQDFAKLARTGGVLGIKI
GWVCDLDRAWDQCIPKYSFTRLDGVSEKSSVSPGYNFRFAKYYKMENGSEYRTLLKAFGIRFDVLVYGNAGKFNIIPTII
SSVAAFTSVGVGTVLCDIILLNFLKGADQYKAKKFEEVDET
;
_entity_poly.pdbx_strand_id   A,B,C
#
loop_
_chem_comp.id
_chem_comp.type
_chem_comp.name
_chem_comp.formula
A1AQX non-polymer Camlipixant 'C23 H24 F2 N4 O4'
NAG D-saccharide, beta linking 2-acetamido-2-deoxy-beta-D-glucopyranose 'C8 H15 N O6'
#
# COMPACT_ATOMS: atom_id res chain seq x y z
N ILE A 23 61.30 4.96 14.71
CA ILE A 23 59.93 5.14 15.17
C ILE A 23 59.05 5.58 14.01
N ASN A 24 59.68 5.89 12.88
CA ASN A 24 58.92 6.37 11.72
C ASN A 24 57.98 5.30 11.18
N ARG A 25 58.46 4.05 11.08
CA ARG A 25 57.62 2.99 10.53
C ARG A 25 56.42 2.71 11.42
N ALA A 26 56.63 2.67 12.74
CA ALA A 26 55.52 2.42 13.67
C ALA A 26 54.50 3.54 13.61
N VAL A 27 54.97 4.80 13.60
CA VAL A 27 54.06 5.93 13.54
C VAL A 27 53.26 5.91 12.24
N GLN A 28 53.94 5.62 11.13
CA GLN A 28 53.26 5.59 9.84
C GLN A 28 52.22 4.48 9.76
N LEU A 29 52.55 3.28 10.25
CA LEU A 29 51.59 2.19 10.22
C LEU A 29 50.42 2.48 11.16
N LEU A 30 50.67 3.11 12.31
CA LEU A 30 49.58 3.48 13.20
C LEU A 30 48.68 4.51 12.54
N ILE A 31 49.26 5.48 11.83
CA ILE A 31 48.45 6.49 11.15
C ILE A 31 47.60 5.84 10.06
N ILE A 32 48.19 4.93 9.29
CA ILE A 32 47.46 4.24 8.24
C ILE A 32 46.31 3.43 8.83
N SER A 33 46.58 2.71 9.92
CA SER A 33 45.54 1.92 10.57
C SER A 33 44.43 2.82 11.10
N TYR A 34 44.79 3.96 11.69
CA TYR A 34 43.79 4.89 12.20
C TYR A 34 42.91 5.42 11.08
N PHE A 35 43.51 5.78 9.94
CA PHE A 35 42.72 6.26 8.81
C PHE A 35 41.81 5.18 8.26
N VAL A 36 42.31 3.94 8.18
CA VAL A 36 41.49 2.84 7.70
C VAL A 36 40.32 2.61 8.65
N GLY A 37 40.58 2.65 9.95
CA GLY A 37 39.50 2.50 10.92
C GLY A 37 38.47 3.61 10.83
N TRP A 38 38.95 4.85 10.63
CA TRP A 38 38.02 5.97 10.44
C TRP A 38 37.12 5.73 9.23
N VAL A 39 37.73 5.34 8.10
CA VAL A 39 36.96 5.11 6.88
C VAL A 39 35.95 3.99 7.09
N PHE A 40 36.36 2.92 7.77
CA PHE A 40 35.49 1.76 7.93
C PHE A 40 34.34 2.04 8.91
N LEU A 41 34.68 2.34 10.17
CA LEU A 41 33.64 2.55 11.17
C LEU A 41 32.80 3.79 10.91
N HIS A 42 33.34 4.80 10.21
CA HIS A 42 32.52 5.96 9.87
C HIS A 42 31.40 5.59 8.92
N GLU A 43 31.68 4.73 7.94
CA GLU A 43 30.69 4.28 6.97
C GLU A 43 29.95 3.04 7.42
N LYS A 44 30.21 2.55 8.64
CA LYS A 44 29.54 1.39 9.21
C LYS A 44 29.75 0.15 8.32
N ALA A 45 31.01 -0.27 8.21
CA ALA A 45 31.32 -1.52 7.53
C ALA A 45 30.69 -2.70 8.25
N TYR A 46 30.72 -2.69 9.59
CA TYR A 46 29.95 -3.62 10.40
C TYR A 46 28.51 -3.11 10.48
N GLN A 47 27.71 -3.64 11.41
CA GLN A 47 26.32 -3.23 11.57
C GLN A 47 25.51 -3.53 10.31
N VAL A 48 25.33 -4.83 10.06
CA VAL A 48 24.51 -5.29 8.95
C VAL A 48 23.19 -4.53 8.94
N ARG A 49 22.73 -4.20 7.74
CA ARG A 49 21.62 -3.26 7.54
C ARG A 49 20.39 -3.99 7.03
N ASP A 50 19.23 -3.59 7.55
CA ASP A 50 17.94 -4.08 7.09
C ASP A 50 17.11 -2.91 6.60
N THR A 51 16.49 -3.07 5.44
CA THR A 51 15.70 -2.03 4.81
C THR A 51 14.24 -2.42 4.58
N ALA A 52 13.85 -3.65 4.93
CA ALA A 52 12.48 -4.10 4.73
C ALA A 52 11.66 -3.76 5.98
N ILE A 53 11.26 -2.50 6.05
CA ILE A 53 10.49 -2.01 7.19
C ILE A 53 9.01 -2.31 6.98
N GLU A 54 8.41 -2.97 7.95
CA GLU A 54 6.97 -3.25 7.93
C GLU A 54 6.26 -2.26 8.84
N SER A 55 5.39 -1.44 8.25
CA SER A 55 4.79 -0.33 8.97
C SER A 55 3.29 -0.25 8.70
N SER A 56 2.60 0.38 9.64
CA SER A 56 1.17 0.66 9.53
C SER A 56 0.94 2.13 9.87
N VAL A 57 0.07 2.77 9.10
CA VAL A 57 -0.21 4.20 9.23
C VAL A 57 -1.70 4.39 9.47
N VAL A 58 -2.05 5.21 10.46
CA VAL A 58 -3.42 5.61 10.70
C VAL A 58 -3.47 7.14 10.70
N THR A 59 -4.22 7.70 9.75
CA THR A 59 -4.30 9.14 9.58
C THR A 59 -5.71 9.62 9.88
N LYS A 60 -5.82 10.67 10.69
CA LYS A 60 -7.10 11.25 11.06
C LYS A 60 -7.04 12.76 10.88
N VAL A 61 -8.00 13.30 10.15
CA VAL A 61 -8.05 14.73 9.88
C VAL A 61 -9.00 15.40 10.86
N LYS A 62 -8.60 16.56 11.37
CA LYS A 62 -9.43 17.37 12.25
C LYS A 62 -9.42 18.81 11.77
N GLY A 63 -10.58 19.45 11.83
CA GLY A 63 -10.69 20.82 11.37
C GLY A 63 -11.91 21.06 10.49
N PHE A 64 -12.52 22.23 10.62
CA PHE A 64 -13.74 22.57 9.91
C PHE A 64 -13.50 23.71 8.94
N GLY A 65 -14.35 23.79 7.92
CA GLY A 65 -14.27 24.86 6.93
C GLY A 65 -15.60 25.04 6.21
N ARG A 66 -15.70 26.15 5.49
CA ARG A 66 -16.91 26.53 4.77
C ARG A 66 -16.63 26.51 3.28
N TYR A 67 -17.58 25.97 2.50
CA TYR A 67 -17.42 26.04 1.06
C TYR A 67 -18.47 26.87 0.35
N ALA A 68 -19.74 26.49 0.43
CA ALA A 68 -20.75 27.24 -0.31
C ALA A 68 -21.49 28.24 0.58
N ASN A 69 -22.27 27.73 1.51
CA ASN A 69 -22.93 28.56 2.52
C ASN A 69 -23.00 27.81 3.84
N ARG A 70 -22.16 26.79 3.99
CA ARG A 70 -22.31 25.84 5.09
C ARG A 70 -20.93 25.31 5.48
N VAL A 71 -20.69 25.19 6.79
CA VAL A 71 -19.46 24.59 7.26
C VAL A 71 -19.51 23.10 7.00
N MET A 72 -18.34 22.49 6.82
CA MET A 72 -18.22 21.07 6.52
C MET A 72 -17.23 20.45 7.49
N ASP A 73 -17.67 19.41 8.20
CA ASP A 73 -16.85 18.73 9.18
C ASP A 73 -15.96 17.70 8.48
N VAL A 74 -15.30 16.86 9.28
CA VAL A 74 -14.35 15.89 8.74
C VAL A 74 -15.05 14.89 7.81
N SER A 75 -16.29 14.52 8.13
CA SER A 75 -16.99 13.51 7.35
C SER A 75 -17.22 13.94 5.91
N ASP A 76 -17.11 15.22 5.60
CA ASP A 76 -17.47 15.72 4.28
C ASP A 76 -16.29 15.75 3.31
N TYR A 77 -15.23 16.49 3.64
CA TYR A 77 -14.21 16.77 2.64
C TYR A 77 -13.32 15.56 2.38
N VAL A 78 -12.92 14.83 3.43
CA VAL A 78 -12.02 13.70 3.22
C VAL A 78 -12.76 12.58 2.51
N THR A 79 -12.16 12.06 1.44
CA THR A 79 -12.86 11.09 0.62
C THR A 79 -12.81 9.68 1.22
N PRO A 80 -11.64 9.13 1.55
CA PRO A 80 -11.63 7.83 2.23
C PRO A 80 -11.87 8.02 3.73
N PRO A 81 -13.03 7.62 4.23
CA PRO A 81 -13.33 7.89 5.65
C PRO A 81 -12.54 7.01 6.60
N GLN A 82 -11.99 5.89 6.13
CA GLN A 82 -11.28 4.97 7.03
C GLN A 82 -10.04 5.63 7.63
N GLY A 83 -9.31 6.41 6.83
CA GLY A 83 -8.06 6.97 7.28
C GLY A 83 -6.89 6.08 6.94
N THR A 84 -6.79 5.69 5.67
CA THR A 84 -5.75 4.79 5.22
C THR A 84 -4.44 5.55 5.05
N SER A 85 -3.44 4.91 4.44
CA SER A 85 -2.17 5.57 4.19
C SER A 85 -2.34 6.73 3.21
N VAL A 86 -3.31 6.65 2.31
CA VAL A 86 -3.56 7.68 1.31
C VAL A 86 -4.99 8.17 1.46
N PHE A 87 -5.16 9.48 1.61
CA PHE A 87 -6.47 10.10 1.69
C PHE A 87 -6.44 11.38 0.86
N VAL A 88 -7.62 11.98 0.68
CA VAL A 88 -7.77 13.17 -0.15
C VAL A 88 -8.51 14.23 0.66
N ILE A 89 -8.01 15.45 0.64
CA ILE A 89 -8.66 16.60 1.27
C ILE A 89 -9.31 17.39 0.14
N ILE A 90 -10.63 17.22 -0.01
CA ILE A 90 -11.33 17.90 -1.09
C ILE A 90 -11.42 19.39 -0.80
N THR A 91 -11.03 20.21 -1.77
CA THR A 91 -11.05 21.66 -1.60
C THR A 91 -11.97 22.39 -2.57
N LYS A 92 -12.34 21.78 -3.70
CA LYS A 92 -13.26 22.44 -4.62
C LYS A 92 -14.22 21.40 -5.17
N MET A 93 -15.50 21.77 -5.24
CA MET A 93 -16.55 20.89 -5.75
C MET A 93 -17.30 21.58 -6.88
N ILE A 94 -17.50 20.86 -7.98
CA ILE A 94 -18.34 21.30 -9.09
C ILE A 94 -19.44 20.26 -9.27
N VAL A 95 -20.68 20.69 -9.15
CA VAL A 95 -21.83 19.78 -9.16
C VAL A 95 -22.60 19.96 -10.45
N THR A 96 -22.90 18.86 -11.13
CA THR A 96 -23.84 18.86 -12.25
C THR A 96 -24.95 17.88 -11.91
N GLU A 97 -26.16 18.41 -11.73
CA GLU A 97 -27.30 17.63 -11.28
C GLU A 97 -28.23 17.31 -12.45
N ASN A 98 -28.95 16.19 -12.31
CA ASN A 98 -29.96 15.77 -13.27
C ASN A 98 -29.37 15.57 -14.66
N GLN A 99 -28.46 14.60 -14.76
CA GLN A 99 -27.87 14.21 -16.03
C GLN A 99 -28.69 13.07 -16.62
N MET A 100 -29.25 13.29 -17.81
CA MET A 100 -30.09 12.32 -18.48
C MET A 100 -29.40 11.79 -19.73
N GLN A 101 -29.70 10.54 -20.06
CA GLN A 101 -29.12 9.93 -21.24
C GLN A 101 -29.73 10.50 -22.51
N GLY A 102 -28.91 10.67 -23.53
CA GLY A 102 -29.37 11.20 -24.80
C GLY A 102 -28.23 11.71 -25.65
N PHE A 103 -28.63 12.44 -26.69
CA PHE A 103 -27.69 13.05 -27.63
C PHE A 103 -27.77 14.57 -27.53
N CYS A 104 -26.62 15.22 -27.47
CA CYS A 104 -26.53 16.67 -27.43
C CYS A 104 -25.08 17.07 -27.66
N PRO A 105 -24.84 18.30 -28.09
CA PRO A 105 -23.46 18.76 -28.30
C PRO A 105 -22.74 18.99 -26.98
N GLU A 106 -21.44 19.25 -27.09
CA GLU A 106 -20.57 19.46 -25.94
C GLU A 106 -20.39 20.95 -25.68
N SER A 107 -20.19 21.30 -24.41
CA SER A 107 -20.14 22.67 -23.96
C SER A 107 -18.73 23.25 -23.93
N GLU A 108 -17.72 22.49 -24.32
CA GLU A 108 -16.34 22.96 -24.25
C GLU A 108 -15.95 23.65 -25.55
N GLU A 109 -14.96 24.54 -25.45
CA GLU A 109 -14.53 25.35 -26.58
C GLU A 109 -13.76 24.53 -27.60
N LYS A 110 -12.83 23.70 -27.15
CA LYS A 110 -11.87 23.07 -28.05
C LYS A 110 -12.53 22.16 -29.08
N TYR A 111 -13.76 21.72 -28.84
CA TYR A 111 -14.43 20.80 -29.77
C TYR A 111 -15.30 21.59 -30.76
N ARG A 112 -14.63 22.36 -31.62
CA ARG A 112 -15.33 23.07 -32.68
C ARG A 112 -15.58 22.14 -33.87
N CYS A 113 -16.76 22.25 -34.45
CA CYS A 113 -17.16 21.42 -35.59
C CYS A 113 -17.73 22.34 -36.67
N VAL A 114 -17.02 22.43 -37.80
CA VAL A 114 -17.50 23.21 -38.93
C VAL A 114 -18.09 22.34 -40.03
N SER A 115 -17.69 21.09 -40.14
CA SER A 115 -18.26 20.16 -41.10
C SER A 115 -18.52 18.83 -40.41
N ASP A 116 -19.47 18.08 -40.96
CA ASP A 116 -19.91 16.83 -40.33
C ASP A 116 -18.82 15.78 -40.28
N SER A 117 -17.79 15.90 -41.11
CA SER A 117 -16.70 14.93 -41.16
C SER A 117 -15.52 15.30 -40.27
N GLN A 118 -15.63 16.39 -39.51
CA GLN A 118 -14.52 16.80 -38.66
C GLN A 118 -14.24 15.78 -37.56
N CYS A 119 -15.29 15.26 -36.92
CA CYS A 119 -15.13 14.30 -35.84
C CYS A 119 -15.57 12.92 -36.30
N GLY A 120 -14.70 11.94 -36.13
CA GLY A 120 -14.96 10.57 -36.52
C GLY A 120 -14.05 9.63 -35.77
N PRO A 121 -13.55 8.59 -36.44
CA PRO A 121 -12.56 7.71 -35.80
C PRO A 121 -11.17 8.33 -35.80
N GLN A 122 -11.10 9.63 -35.50
CA GLN A 122 -9.85 10.33 -35.28
C GLN A 122 -9.92 11.35 -34.15
N ARG A 123 -11.11 11.67 -33.65
CA ARG A 123 -11.29 12.67 -32.60
C ARG A 123 -11.38 11.98 -31.24
N PHE A 124 -10.64 12.51 -30.28
CA PHE A 124 -10.67 11.95 -28.93
C PHE A 124 -11.98 12.30 -28.26
N PRO A 125 -12.78 11.34 -27.80
CA PRO A 125 -14.04 11.66 -27.14
C PRO A 125 -13.81 12.39 -25.83
N GLY A 126 -14.69 13.35 -25.54
CA GLY A 126 -14.59 14.10 -24.31
C GLY A 126 -15.74 13.87 -23.34
N GLY A 127 -16.93 13.64 -23.87
CA GLY A 127 -18.10 13.45 -23.03
C GLY A 127 -18.84 12.16 -23.29
N GLY A 128 -18.70 11.59 -24.48
CA GLY A 128 -19.41 10.38 -24.80
C GLY A 128 -18.98 9.82 -26.13
N ILE A 129 -19.65 8.75 -26.54
CA ILE A 129 -19.38 8.10 -27.82
C ILE A 129 -19.94 8.96 -28.94
N LEU A 130 -19.11 9.25 -29.93
CA LEU A 130 -19.51 10.14 -31.02
C LEU A 130 -20.39 9.41 -32.02
N THR A 131 -21.19 10.20 -32.75
CA THR A 131 -22.10 9.64 -33.74
C THR A 131 -21.81 10.11 -35.16
N GLY A 132 -20.95 11.11 -35.35
CA GLY A 132 -20.62 11.56 -36.69
C GLY A 132 -21.58 12.60 -37.25
N ARG A 133 -22.14 13.46 -36.41
CA ARG A 133 -23.04 14.52 -36.82
C ARG A 133 -22.42 15.87 -36.47
N CYS A 134 -23.21 16.94 -36.56
CA CYS A 134 -22.75 18.27 -36.16
C CYS A 134 -23.98 19.13 -35.88
N VAL A 135 -24.08 19.64 -34.65
CA VAL A 135 -25.19 20.47 -34.23
C VAL A 135 -24.66 21.74 -33.59
N ASN A 136 -25.55 22.72 -33.41
CA ASN A 136 -25.21 23.96 -32.74
C ASN A 136 -25.36 23.82 -31.23
N TYR A 137 -24.47 24.47 -30.49
CA TYR A 137 -24.54 24.47 -29.04
C TYR A 137 -25.42 25.63 -28.56
N THR A 143 -19.21 21.91 -32.39
CA THR A 143 -19.52 20.89 -31.40
C THR A 143 -20.40 19.80 -31.98
N CYS A 144 -19.90 18.57 -32.00
CA CYS A 144 -20.65 17.46 -32.55
C CYS A 144 -21.11 16.51 -31.45
N GLU A 145 -22.17 15.75 -31.74
CA GLU A 145 -22.99 15.09 -30.73
C GLU A 145 -22.24 13.91 -30.12
N ILE A 146 -21.92 14.05 -28.83
CA ILE A 146 -21.54 12.88 -28.05
C ILE A 146 -22.79 12.25 -27.47
N GLN A 147 -22.77 10.93 -27.35
CA GLN A 147 -23.92 10.19 -26.82
C GLN A 147 -23.65 9.84 -25.37
N GLY A 148 -24.67 9.97 -24.52
CA GLY A 148 -24.50 9.65 -23.12
C GLY A 148 -25.18 10.63 -22.20
N TRP A 149 -24.55 10.93 -21.06
CA TRP A 149 -25.12 11.85 -20.09
C TRP A 149 -25.18 13.23 -20.73
N CYS A 150 -26.40 13.72 -20.98
CA CYS A 150 -26.57 14.89 -21.84
C CYS A 150 -26.05 16.17 -21.21
N PRO A 151 -26.50 16.59 -20.02
CA PRO A 151 -25.96 17.83 -19.45
C PRO A 151 -24.55 17.65 -18.94
N THR A 152 -23.58 17.70 -19.85
CA THR A 152 -22.18 17.46 -19.50
C THR A 152 -21.65 18.58 -18.60
N GLU A 153 -20.49 18.32 -17.99
CA GLU A 153 -19.85 19.27 -17.11
C GLU A 153 -19.50 20.58 -17.81
N VAL A 154 -20.14 21.67 -17.40
CA VAL A 154 -19.70 23.00 -17.79
C VAL A 154 -18.58 23.41 -16.85
N ASP A 155 -17.35 23.10 -17.22
CA ASP A 155 -16.21 23.26 -16.33
C ASP A 155 -15.54 24.62 -16.57
N THR A 156 -14.36 24.83 -15.98
CA THR A 156 -13.59 26.06 -16.13
C THR A 156 -14.39 27.27 -15.67
N VAL A 157 -14.71 27.33 -14.37
CA VAL A 157 -15.44 28.45 -13.80
C VAL A 157 -14.61 29.06 -12.68
N GLU A 158 -15.17 30.07 -12.01
CA GLU A 158 -14.46 30.77 -10.94
C GLU A 158 -14.96 30.31 -9.58
N MET A 159 -15.21 29.01 -9.43
CA MET A 159 -15.70 28.45 -8.19
C MET A 159 -14.70 28.74 -7.07
N PRO A 160 -15.16 29.20 -5.90
CA PRO A 160 -14.23 29.48 -4.79
C PRO A 160 -13.63 28.21 -4.21
N VAL A 161 -12.66 28.39 -3.31
CA VAL A 161 -11.96 27.22 -2.72
C VAL A 161 -12.12 27.22 -1.20
N MET A 162 -12.00 26.07 -0.55
CA MET A 162 -12.06 25.90 0.90
C MET A 162 -10.79 26.45 1.54
N MET A 163 -10.74 27.79 1.64
CA MET A 163 -9.54 28.45 2.16
C MET A 163 -9.24 28.06 3.60
N GLU A 164 -10.27 27.85 4.41
CA GLU A 164 -10.07 27.47 5.80
C GLU A 164 -9.43 26.09 5.94
N ALA A 165 -9.40 25.30 4.86
CA ALA A 165 -8.64 24.05 4.87
C ALA A 165 -7.15 24.28 5.06
N GLU A 166 -6.69 25.52 4.90
CA GLU A 166 -5.33 25.87 5.26
C GLU A 166 -5.04 25.65 6.74
N ASN A 167 -6.07 25.55 7.58
CA ASN A 167 -5.89 25.38 9.02
C ASN A 167 -6.27 24.00 9.52
N PHE A 168 -6.40 23.02 8.62
CA PHE A 168 -6.70 21.65 9.06
C PHE A 168 -5.46 21.01 9.67
N THR A 169 -5.69 20.01 10.51
CA THR A 169 -4.62 19.26 11.14
C THR A 169 -4.77 17.78 10.79
N ILE A 170 -3.63 17.11 10.66
CA ILE A 170 -3.57 15.69 10.36
C ILE A 170 -2.80 14.99 11.47
N PHE A 171 -3.44 14.01 12.11
CA PHE A 171 -2.79 13.19 13.13
C PHE A 171 -2.38 11.88 12.47
N ILE A 172 -1.08 11.59 12.50
CA ILE A 172 -0.51 10.41 11.86
C ILE A 172 0.09 9.53 12.94
N LYS A 173 -0.51 8.35 13.15
CA LYS A 173 0.03 7.34 14.05
C LYS A 173 0.69 6.27 13.20
N ASN A 174 2.03 6.19 13.29
CA ASN A 174 2.80 5.25 12.49
C ASN A 174 3.47 4.25 13.43
N SER A 175 3.24 2.96 13.19
CA SER A 175 3.85 1.89 13.96
C SER A 175 4.68 1.03 13.04
N ILE A 176 5.98 0.96 13.30
CA ILE A 176 6.91 0.22 12.46
C ILE A 176 7.51 -0.92 13.27
N ARG A 177 7.96 -1.95 12.55
CA ARG A 177 8.58 -3.11 13.18
C ARG A 177 9.63 -3.66 12.22
N PHE A 178 10.90 -3.42 12.54
CA PHE A 178 11.99 -4.05 11.81
C PHE A 178 12.00 -5.54 12.15
N PRO A 179 11.83 -6.42 11.17
CA PRO A 179 11.64 -7.84 11.48
C PRO A 179 12.93 -8.59 11.79
N LEU A 180 14.03 -8.20 11.13
CA LEU A 180 15.28 -8.92 11.32
C LEU A 180 15.76 -8.83 12.75
N PHE A 181 15.69 -7.65 13.35
CA PHE A 181 16.11 -7.44 14.73
C PHE A 181 14.95 -7.49 15.71
N ASN A 182 13.72 -7.68 15.23
CA ASN A 182 12.52 -7.68 16.07
C ASN A 182 12.47 -6.39 16.89
N PHE A 183 12.30 -5.29 16.19
CA PHE A 183 12.37 -3.95 16.77
C PHE A 183 11.08 -3.22 16.46
N GLU A 184 10.19 -3.10 17.45
CA GLU A 184 8.92 -2.42 17.29
C GLU A 184 9.01 -1.02 17.87
N LYS A 185 8.45 -0.05 17.14
CA LYS A 185 8.52 1.34 17.58
C LYS A 185 7.37 2.12 16.95
N GLY A 186 7.16 3.32 17.47
CA GLY A 186 6.13 4.21 16.96
C GLY A 186 6.58 5.65 17.09
N ASN A 187 5.91 6.53 16.33
CA ASN A 187 6.29 7.93 16.31
C ASN A 187 5.77 8.71 17.51
N LEU A 188 4.89 8.12 18.33
CA LEU A 188 4.33 8.81 19.48
C LEU A 188 5.32 8.76 20.65
N LEU A 189 6.40 9.51 20.49
CA LEU A 189 7.41 9.57 21.53
C LEU A 189 6.95 10.48 22.66
N PRO A 190 6.88 10.00 23.90
CA PRO A 190 6.30 10.77 25.00
C PRO A 190 7.27 11.74 25.69
N ASN A 191 8.56 11.75 25.33
CA ASN A 191 9.54 12.57 26.02
C ASN A 191 10.05 13.72 25.17
N LEU A 192 10.55 13.44 23.98
CA LEU A 192 11.12 14.49 23.13
C LEU A 192 10.06 15.07 22.20
N ASP A 196 1.30 19.53 25.56
CA ASP A 196 0.50 18.36 25.28
C ASP A 196 0.11 18.29 23.81
N MET A 197 -0.72 17.31 23.45
CA MET A 197 -1.17 17.15 22.07
C MET A 197 -2.48 17.89 21.83
N LYS A 198 -2.53 19.16 22.21
CA LYS A 198 -3.70 19.99 21.96
C LYS A 198 -3.40 21.32 21.27
N THR A 199 -2.19 21.87 21.44
CA THR A 199 -1.80 23.08 20.75
C THR A 199 -0.47 22.94 20.02
N CYS A 200 0.14 21.76 20.06
CA CYS A 200 1.42 21.55 19.38
C CYS A 200 1.20 21.31 17.89
N ARG A 201 2.12 21.82 17.08
CA ARG A 201 2.14 21.60 15.65
C ARG A 201 3.45 20.89 15.30
N PHE A 202 3.70 20.73 14.00
CA PHE A 202 4.95 20.17 13.52
C PHE A 202 5.77 21.27 12.86
N HIS A 203 6.90 21.61 13.47
CA HIS A 203 7.86 22.54 12.88
C HIS A 203 9.24 21.90 13.02
N PRO A 204 9.99 21.75 11.93
CA PRO A 204 11.27 21.04 12.00
C PRO A 204 12.31 21.74 12.85
N ASP A 205 12.02 22.96 13.29
CA ASP A 205 12.93 23.74 14.12
C ASP A 205 12.56 23.70 15.60
N LYS A 206 11.31 24.04 15.94
CA LYS A 206 10.91 24.13 17.34
C LYS A 206 10.54 22.75 17.89
N ALA A 207 9.52 22.12 17.34
CA ALA A 207 9.02 20.83 17.80
C ALA A 207 8.94 19.87 16.63
N PRO A 208 10.06 19.25 16.26
CA PRO A 208 10.07 18.37 15.07
C PRO A 208 9.58 16.97 15.36
N PHE A 209 8.90 16.77 16.49
CA PHE A 209 8.49 15.44 16.91
C PHE A 209 6.98 15.26 17.04
N CYS A 210 6.21 16.34 17.11
CA CYS A 210 4.76 16.20 17.23
C CYS A 210 4.19 15.61 15.95
N PRO A 211 3.32 14.60 16.03
CA PRO A 211 2.77 14.00 14.81
C PRO A 211 1.67 14.82 14.16
N ILE A 212 1.22 15.90 14.79
CA ILE A 212 0.15 16.72 14.24
C ILE A 212 0.75 17.64 13.17
N LEU A 213 0.34 17.45 11.92
CA LEU A 213 0.86 18.22 10.80
C LEU A 213 -0.24 19.15 10.31
N ARG A 214 0.05 20.46 10.28
CA ARG A 214 -0.90 21.41 9.72
C ARG A 214 -0.87 21.31 8.20
N VAL A 215 -2.06 21.33 7.58
CA VAL A 215 -2.15 21.21 6.13
C VAL A 215 -1.44 22.39 5.46
N GLY A 216 -1.65 23.60 5.97
CA GLY A 216 -0.92 24.74 5.46
C GLY A 216 0.58 24.59 5.63
N ASP A 217 1.00 24.05 6.78
CA ASP A 217 2.42 23.81 7.00
C ASP A 217 2.97 22.76 6.02
N VAL A 218 2.19 21.71 5.77
CA VAL A 218 2.63 20.68 4.82
C VAL A 218 2.78 21.27 3.42
N VAL A 219 1.81 22.09 3.00
CA VAL A 219 1.89 22.69 1.68
C VAL A 219 3.07 23.65 1.59
N LYS A 220 3.29 24.44 2.63
CA LYS A 220 4.40 25.41 2.61
C LYS A 220 5.75 24.71 2.60
N PHE A 221 5.89 23.62 3.36
CA PHE A 221 7.18 22.94 3.43
C PHE A 221 7.50 22.17 2.16
N ALA A 222 6.54 21.99 1.27
CA ALA A 222 6.76 21.34 -0.02
C ALA A 222 7.17 22.34 -1.10
N GLY A 223 7.38 23.60 -0.74
CA GLY A 223 7.71 24.62 -1.72
C GLY A 223 6.58 24.90 -2.69
N GLN A 224 5.35 24.95 -2.20
CA GLN A 224 4.18 25.15 -3.04
C GLN A 224 3.28 26.21 -2.42
N ASP A 225 2.77 27.10 -3.27
CA ASP A 225 1.74 28.03 -2.84
C ASP A 225 0.43 27.27 -2.65
N PHE A 226 -0.28 27.60 -1.56
CA PHE A 226 -1.50 26.85 -1.25
C PHE A 226 -2.67 27.23 -2.15
N ALA A 227 -2.74 28.48 -2.60
CA ALA A 227 -3.88 28.91 -3.40
C ALA A 227 -3.96 28.16 -4.72
N LYS A 228 -2.86 28.14 -5.47
CA LYS A 228 -2.84 27.43 -6.75
C LYS A 228 -3.01 25.93 -6.56
N LEU A 229 -2.37 25.37 -5.52
CA LEU A 229 -2.48 23.93 -5.27
C LEU A 229 -3.92 23.54 -4.96
N ALA A 230 -4.62 24.35 -4.18
CA ALA A 230 -6.01 24.04 -3.87
C ALA A 230 -6.91 24.28 -5.08
N ARG A 231 -6.60 25.30 -5.89
CA ARG A 231 -7.46 25.62 -7.03
C ARG A 231 -7.36 24.55 -8.11
N THR A 232 -6.15 24.05 -8.39
CA THR A 232 -5.98 23.07 -9.46
C THR A 232 -5.84 21.64 -8.97
N GLY A 233 -5.41 21.43 -7.74
CA GLY A 233 -5.26 20.09 -7.22
C GLY A 233 -3.83 19.59 -7.36
N GLY A 234 -3.47 18.64 -6.49
CA GLY A 234 -2.13 18.09 -6.51
C GLY A 234 -2.04 16.91 -5.57
N VAL A 235 -0.95 16.16 -5.71
CA VAL A 235 -0.72 14.95 -4.93
C VAL A 235 0.53 15.19 -4.10
N LEU A 236 0.35 15.68 -2.88
CA LEU A 236 1.47 15.85 -1.96
C LEU A 236 1.86 14.51 -1.36
N GLY A 237 3.01 14.50 -0.69
CA GLY A 237 3.50 13.28 -0.08
C GLY A 237 4.28 13.53 1.18
N ILE A 238 3.91 12.84 2.24
CA ILE A 238 4.58 12.93 3.54
C ILE A 238 5.37 11.65 3.75
N LYS A 239 6.68 11.78 3.89
CA LYS A 239 7.58 10.64 4.06
C LYS A 239 8.06 10.59 5.50
N ILE A 240 7.96 9.43 6.12
CA ILE A 240 8.42 9.23 7.49
C ILE A 240 9.64 8.32 7.46
N GLY A 241 10.84 8.91 7.39
CA GLY A 241 12.05 8.14 7.38
C GLY A 241 12.36 7.60 8.77
N TRP A 242 12.35 6.29 8.92
CA TRP A 242 12.69 5.62 10.18
C TRP A 242 14.14 5.14 10.09
N VAL A 243 15.06 6.08 10.19
CA VAL A 243 16.49 5.79 10.18
C VAL A 243 16.96 5.77 11.62
N CYS A 244 17.45 4.63 12.09
CA CYS A 244 17.82 4.46 13.48
C CYS A 244 19.08 3.61 13.57
N ASP A 245 19.80 3.79 14.67
CA ASP A 245 21.00 3.01 14.99
C ASP A 245 20.67 2.20 16.24
N LEU A 246 20.38 0.91 16.06
CA LEU A 246 19.92 0.07 17.16
C LEU A 246 21.01 -0.22 18.17
N ASP A 247 22.28 0.08 17.87
CA ASP A 247 23.33 -0.11 18.86
C ASP A 247 23.19 0.84 20.04
N ARG A 248 22.49 1.96 19.86
CA ARG A 248 22.24 2.90 20.93
C ARG A 248 21.00 2.46 21.71
N ALA A 249 20.49 3.34 22.58
CA ALA A 249 19.33 3.02 23.40
C ALA A 249 18.06 2.98 22.55
N TRP A 250 16.99 2.46 23.16
CA TRP A 250 15.71 2.36 22.47
C TRP A 250 15.12 3.73 22.17
N ASP A 251 15.32 4.71 23.06
CA ASP A 251 14.77 6.04 22.87
C ASP A 251 15.47 6.81 21.75
N GLN A 252 16.63 6.36 21.30
CA GLN A 252 17.37 7.09 20.27
C GLN A 252 16.73 6.96 18.89
N CYS A 253 16.05 5.85 18.63
CA CYS A 253 15.39 5.63 17.35
C CYS A 253 14.25 6.63 17.18
N ILE A 254 14.40 7.58 16.27
CA ILE A 254 13.43 8.65 16.09
C ILE A 254 13.05 8.75 14.62
N PRO A 255 11.83 9.16 14.29
CA PRO A 255 11.45 9.34 12.90
C PRO A 255 11.67 10.76 12.41
N LYS A 256 11.95 10.87 11.11
CA LYS A 256 12.17 12.16 10.46
C LYS A 256 11.09 12.38 9.42
N TYR A 257 10.37 13.50 9.51
CA TYR A 257 9.30 13.81 8.58
C TYR A 257 9.83 14.70 7.45
N SER A 258 9.48 14.35 6.22
CA SER A 258 9.81 15.16 5.06
C SER A 258 8.57 15.25 4.16
N PHE A 259 8.55 16.26 3.31
CA PHE A 259 7.41 16.51 2.44
C PHE A 259 7.87 16.77 1.01
N THR A 260 7.05 16.34 0.05
CA THR A 260 7.38 16.52 -1.35
C THR A 260 6.08 16.54 -2.16
N ARG A 261 6.23 16.77 -3.47
CA ARG A 261 5.12 16.69 -4.41
C ARG A 261 5.44 15.66 -5.47
N LEU A 262 4.49 14.77 -5.74
CA LEU A 262 4.71 13.65 -6.66
C LEU A 262 3.76 13.72 -7.86
N ASP A 263 3.39 14.92 -8.28
CA ASP A 263 2.53 15.13 -9.44
C ASP A 263 3.11 16.22 -10.33
N GLY A 264 4.42 16.16 -10.57
CA GLY A 264 5.08 17.11 -11.45
C GLY A 264 5.51 16.48 -12.76
N VAL A 265 5.03 17.04 -13.87
CA VAL A 265 5.35 16.47 -15.19
C VAL A 265 6.75 16.89 -15.62
N SER A 266 7.00 18.19 -15.71
CA SER A 266 8.29 18.70 -16.14
C SER A 266 8.48 20.15 -15.70
N SER A 272 -2.05 18.78 -18.68
CA SER A 272 -2.78 19.58 -17.71
C SER A 272 -2.55 19.07 -16.28
N PRO A 273 -1.64 19.72 -15.56
CA PRO A 273 -1.35 19.30 -14.18
C PRO A 273 -2.56 19.50 -13.28
N GLY A 274 -2.68 18.61 -12.30
CA GLY A 274 -3.79 18.67 -11.36
C GLY A 274 -4.21 17.32 -10.85
N TYR A 275 -5.25 17.30 -10.01
CA TYR A 275 -5.77 16.05 -9.44
C TYR A 275 -7.26 16.23 -9.21
N ASN A 276 -8.06 15.73 -10.15
CA ASN A 276 -9.51 15.83 -10.08
C ASN A 276 -10.13 14.45 -10.20
N PHE A 277 -11.16 14.19 -9.41
CA PHE A 277 -11.84 12.90 -9.48
C PHE A 277 -13.33 13.10 -9.20
N ARG A 278 -14.15 12.21 -9.74
CA ARG A 278 -15.59 12.43 -9.82
C ARG A 278 -16.35 11.30 -9.14
N PHE A 279 -17.37 11.68 -8.36
CA PHE A 279 -18.34 10.74 -7.82
C PHE A 279 -19.64 10.84 -8.60
N ALA A 280 -20.34 9.72 -8.71
CA ALA A 280 -21.63 9.67 -9.37
C ALA A 280 -22.66 9.11 -8.39
N LYS A 281 -23.78 9.83 -8.23
CA LYS A 281 -24.89 9.39 -7.39
C LYS A 281 -26.11 9.22 -8.29
N TYR A 282 -26.70 8.04 -8.29
CA TYR A 282 -27.79 7.70 -9.19
C TYR A 282 -29.11 7.65 -8.44
N TYR A 283 -30.17 8.04 -9.13
CA TYR A 283 -31.53 7.90 -8.61
C TYR A 283 -32.50 7.78 -9.78
N LYS A 284 -33.57 7.02 -9.56
CA LYS A 284 -34.61 6.79 -10.57
C LYS A 284 -35.94 7.26 -9.98
N MET A 285 -36.39 8.43 -10.42
CA MET A 285 -37.67 8.95 -9.98
C MET A 285 -38.82 8.15 -10.59
N GLU A 286 -39.96 8.16 -9.89
CA GLU A 286 -41.05 7.24 -10.21
C GLU A 286 -41.65 7.49 -11.59
N ASN A 287 -41.37 8.65 -12.19
CA ASN A 287 -41.89 8.98 -13.51
C ASN A 287 -41.01 8.43 -14.63
N GLY A 288 -40.22 7.41 -14.31
CA GLY A 288 -39.59 6.54 -15.29
C GLY A 288 -38.17 6.84 -15.71
N SER A 289 -37.82 8.12 -15.80
CA SER A 289 -36.50 8.49 -16.30
C SER A 289 -35.40 8.12 -15.32
N GLU A 290 -34.23 7.82 -15.85
CA GLU A 290 -33.06 7.46 -15.07
C GLU A 290 -32.11 8.65 -15.02
N TYR A 291 -31.79 9.10 -13.81
CA TYR A 291 -31.02 10.32 -13.61
C TYR A 291 -29.65 9.99 -12.99
N ARG A 292 -28.82 11.01 -12.88
CA ARG A 292 -27.47 10.89 -12.31
C ARG A 292 -26.91 12.25 -11.99
N THR A 293 -26.37 12.43 -10.79
CA THR A 293 -25.68 13.66 -10.43
C THR A 293 -24.19 13.39 -10.27
N LEU A 294 -23.38 14.27 -10.85
CA LEU A 294 -21.94 14.08 -10.95
C LEU A 294 -21.23 15.19 -10.18
N LEU A 295 -20.39 14.79 -9.23
CA LEU A 295 -19.65 15.72 -8.38
C LEU A 295 -18.17 15.60 -8.70
N LYS A 296 -17.60 16.66 -9.28
CA LYS A 296 -16.19 16.71 -9.63
C LYS A 296 -15.45 17.40 -8.50
N ALA A 297 -14.49 16.71 -7.89
CA ALA A 297 -13.75 17.19 -6.75
C ALA A 297 -12.30 17.45 -7.13
N PHE A 298 -11.83 18.66 -6.84
CA PHE A 298 -10.42 19.04 -6.92
C PHE A 298 -9.91 19.05 -5.49
N GLY A 299 -9.01 18.12 -5.17
CA GLY A 299 -8.49 17.98 -3.84
C GLY A 299 -6.97 17.97 -3.81
N ILE A 300 -6.44 17.81 -2.59
CA ILE A 300 -5.01 17.73 -2.36
C ILE A 300 -4.76 16.36 -1.73
N ARG A 301 -4.46 15.37 -2.56
CA ARG A 301 -4.27 14.01 -2.06
C ARG A 301 -2.93 13.90 -1.33
N PHE A 302 -2.97 13.33 -0.13
CA PHE A 302 -1.78 13.15 0.69
C PHE A 302 -1.38 11.68 0.68
N ASP A 303 -0.11 11.42 0.37
CA ASP A 303 0.45 10.07 0.41
C ASP A 303 1.43 9.98 1.57
N VAL A 304 1.27 8.96 2.40
CA VAL A 304 2.16 8.71 3.52
C VAL A 304 3.05 7.54 3.15
N LEU A 305 4.34 7.80 2.98
CA LEU A 305 5.31 6.78 2.59
C LEU A 305 6.28 6.57 3.74
N VAL A 306 6.45 5.31 4.14
CA VAL A 306 7.31 4.95 5.27
C VAL A 306 8.54 4.24 4.72
N TYR A 307 9.71 4.77 5.06
CA TYR A 307 10.98 4.19 4.66
C TYR A 307 11.87 4.02 5.89
N GLY A 308 12.60 2.93 5.93
CA GLY A 308 13.43 2.63 7.09
C GLY A 308 14.74 1.99 6.67
N ASN A 309 15.75 2.18 7.51
CA ASN A 309 17.08 1.60 7.27
C ASN A 309 17.75 1.47 8.63
N ALA A 310 17.79 0.25 9.16
CA ALA A 310 18.27 0.02 10.51
C ALA A 310 19.49 -0.89 10.48
N GLY A 311 20.57 -0.44 11.12
CA GLY A 311 21.79 -1.23 11.15
C GLY A 311 22.12 -1.74 12.54
N LYS A 312 22.37 -3.04 12.64
CA LYS A 312 22.71 -3.67 13.92
C LYS A 312 24.02 -4.42 13.79
N PHE A 313 24.84 -4.37 14.83
CA PHE A 313 26.13 -5.04 14.82
C PHE A 313 25.95 -6.55 14.72
N ASN A 314 26.73 -7.16 13.83
CA ASN A 314 26.69 -8.60 13.64
C ASN A 314 28.12 -9.12 13.53
N ILE A 315 28.32 -10.39 13.92
CA ILE A 315 29.66 -10.95 13.98
C ILE A 315 30.26 -11.10 12.59
N ILE A 316 29.48 -11.61 11.64
CA ILE A 316 30.03 -11.89 10.30
C ILE A 316 30.51 -10.63 9.60
N PRO A 317 29.70 -9.55 9.48
CA PRO A 317 30.24 -8.34 8.85
C PRO A 317 31.42 -7.75 9.60
N THR A 318 31.43 -7.86 10.93
CA THR A 318 32.56 -7.36 11.71
C THR A 318 33.84 -8.11 11.34
N ILE A 319 33.76 -9.44 11.25
CA ILE A 319 34.93 -10.22 10.88
C ILE A 319 35.38 -9.90 9.46
N ILE A 320 34.41 -9.78 8.53
CA ILE A 320 34.75 -9.46 7.15
C ILE A 320 35.47 -8.13 7.07
N SER A 321 34.92 -7.12 7.75
CA SER A 321 35.51 -5.78 7.73
C SER A 321 36.88 -5.77 8.38
N SER A 322 37.05 -6.50 9.49
CA SER A 322 38.36 -6.55 10.14
C SER A 322 39.40 -7.19 9.24
N VAL A 323 39.03 -8.28 8.57
CA VAL A 323 39.97 -8.94 7.66
C VAL A 323 40.36 -8.01 6.52
N ALA A 324 39.36 -7.34 5.93
CA ALA A 324 39.65 -6.42 4.83
C ALA A 324 40.52 -5.26 5.29
N ALA A 325 40.25 -4.74 6.50
CA ALA A 325 41.07 -3.65 7.02
C ALA A 325 42.50 -4.09 7.26
N PHE A 326 42.69 -5.31 7.79
CA PHE A 326 44.04 -5.82 8.00
C PHE A 326 44.79 -5.94 6.67
N THR A 327 44.12 -6.50 5.65
CA THR A 327 44.78 -6.65 4.36
C THR A 327 45.07 -5.29 3.72
N SER A 328 44.15 -4.33 3.85
CA SER A 328 44.37 -2.99 3.30
C SER A 328 45.52 -2.30 4.01
N VAL A 329 45.63 -2.46 5.33
CA VAL A 329 46.74 -1.87 6.07
C VAL A 329 48.05 -2.50 5.61
N GLY A 330 48.06 -3.82 5.41
CA GLY A 330 49.25 -4.47 4.89
C GLY A 330 49.66 -3.94 3.52
N VAL A 331 48.68 -3.76 2.63
CA VAL A 331 48.97 -3.24 1.30
C VAL A 331 49.51 -1.81 1.40
N GLY A 332 48.91 -1.00 2.27
CA GLY A 332 49.40 0.36 2.46
C GLY A 332 50.81 0.40 2.98
N THR A 333 51.14 -0.48 3.92
CA THR A 333 52.52 -0.56 4.41
C THR A 333 53.48 -1.01 3.32
N VAL A 334 53.04 -1.94 2.48
CA VAL A 334 53.89 -2.41 1.38
C VAL A 334 54.14 -1.27 0.38
N LEU A 335 53.14 -0.41 0.18
CA LEU A 335 53.30 0.70 -0.77
C LEU A 335 54.05 1.88 -0.17
N CYS A 336 53.98 2.06 1.16
CA CYS A 336 54.51 3.27 1.77
C CYS A 336 56.02 3.33 1.72
N ASP A 337 56.70 2.24 2.06
CA ASP A 337 58.16 2.25 2.00
C ASP A 337 58.65 2.45 0.58
N ILE A 338 57.96 1.86 -0.40
CA ILE A 338 58.34 2.02 -1.80
C ILE A 338 58.20 3.48 -2.21
N ILE A 339 57.05 4.09 -1.90
CA ILE A 339 56.81 5.47 -2.33
C ILE A 339 57.73 6.43 -1.59
N LEU A 340 58.13 6.10 -0.36
CA LEU A 340 59.05 6.97 0.38
C LEU A 340 60.46 6.84 -0.16
N LEU A 341 60.91 5.62 -0.45
CA LEU A 341 62.26 5.44 -0.97
C LEU A 341 62.40 6.04 -2.37
N ASN A 342 61.41 5.84 -3.24
CA ASN A 342 61.47 6.36 -4.59
C ASN A 342 61.00 7.80 -4.70
N PHE A 343 60.40 8.35 -3.64
CA PHE A 343 59.92 9.73 -3.62
C PHE A 343 58.94 10.01 -4.75
N LEU A 344 58.14 9.01 -5.11
CA LEU A 344 57.17 9.15 -6.20
C LEU A 344 56.10 8.08 -6.10
N ILE B 23 57.94 -17.19 -18.63
CA ILE B 23 56.82 -16.28 -18.85
C ILE B 23 55.51 -17.00 -18.56
N ASN B 24 55.59 -18.31 -18.34
CA ASN B 24 54.39 -19.11 -18.10
C ASN B 24 53.70 -18.69 -16.80
N ARG B 25 54.48 -18.49 -15.73
CA ARG B 25 53.87 -18.13 -14.45
C ARG B 25 53.19 -16.77 -14.50
N ALA B 26 53.83 -15.79 -15.15
CA ALA B 26 53.23 -14.46 -15.25
C ALA B 26 51.96 -14.49 -16.08
N VAL B 27 51.99 -15.21 -17.20
CA VAL B 27 50.80 -15.31 -18.06
C VAL B 27 49.66 -16.01 -17.30
N GLN B 28 49.98 -17.08 -16.59
CA GLN B 28 48.96 -17.81 -15.85
C GLN B 28 48.35 -16.96 -14.73
N LEU B 29 49.18 -16.24 -13.98
CA LEU B 29 48.65 -15.40 -12.91
C LEU B 29 47.83 -14.25 -13.48
N LEU B 30 48.25 -13.69 -14.61
CA LEU B 30 47.46 -12.64 -15.25
C LEU B 30 46.11 -13.18 -15.71
N ILE B 31 46.09 -14.39 -16.27
CA ILE B 31 44.83 -14.99 -16.71
C ILE B 31 43.91 -15.23 -15.52
N ILE B 32 44.47 -15.75 -14.42
CA ILE B 32 43.66 -16.01 -13.23
C ILE B 32 43.10 -14.70 -12.68
N SER B 33 43.93 -13.65 -12.62
CA SER B 33 43.46 -12.35 -12.14
C SER B 33 42.38 -11.78 -13.05
N TYR B 34 42.54 -11.93 -14.37
CA TYR B 34 41.53 -11.44 -15.30
C TYR B 34 40.21 -12.18 -15.11
N PHE B 35 40.25 -13.50 -14.94
CA PHE B 35 39.02 -14.26 -14.71
C PHE B 35 38.36 -13.85 -13.40
N VAL B 36 39.17 -13.66 -12.34
CA VAL B 36 38.61 -13.24 -11.07
C VAL B 36 37.96 -11.87 -11.19
N GLY B 37 38.62 -10.94 -11.89
CA GLY B 37 38.02 -9.64 -12.12
C GLY B 37 36.74 -9.71 -12.91
N TRP B 38 36.71 -10.57 -13.94
CA TRP B 38 35.47 -10.75 -14.71
C TRP B 38 34.35 -11.23 -13.80
N VAL B 39 34.63 -12.25 -12.98
CA VAL B 39 33.61 -12.80 -12.10
C VAL B 39 33.13 -11.74 -11.11
N PHE B 40 34.05 -10.95 -10.57
CA PHE B 40 33.68 -9.97 -9.55
C PHE B 40 32.91 -8.79 -10.14
N LEU B 41 33.54 -8.05 -11.05
CA LEU B 41 32.88 -6.86 -11.61
C LEU B 41 31.65 -7.21 -12.45
N HIS B 42 31.59 -8.41 -13.04
CA HIS B 42 30.40 -8.78 -13.78
C HIS B 42 29.19 -8.90 -12.86
N GLU B 43 29.38 -9.47 -11.68
CA GLU B 43 28.31 -9.64 -10.70
C GLU B 43 28.19 -8.44 -9.76
N LYS B 44 28.98 -7.40 -9.97
CA LYS B 44 28.94 -6.18 -9.17
C LYS B 44 29.21 -6.49 -7.69
N ALA B 45 30.43 -6.96 -7.42
CA ALA B 45 30.86 -7.15 -6.05
C ALA B 45 30.90 -5.82 -5.30
N TYR B 46 31.38 -4.77 -5.97
CA TYR B 46 31.24 -3.40 -5.48
C TYR B 46 29.84 -2.91 -5.79
N GLN B 47 29.60 -1.60 -5.70
CA GLN B 47 28.29 -1.01 -5.97
C GLN B 47 27.24 -1.56 -4.99
N VAL B 48 27.40 -1.15 -3.73
CA VAL B 48 26.43 -1.50 -2.70
C VAL B 48 25.02 -1.23 -3.19
N ARG B 49 24.10 -2.13 -2.84
CA ARG B 49 22.77 -2.17 -3.41
C ARG B 49 21.72 -1.75 -2.39
N ASP B 50 20.74 -0.98 -2.86
CA ASP B 50 19.59 -0.58 -2.06
C ASP B 50 18.33 -1.07 -2.74
N THR B 51 17.44 -1.67 -1.96
CA THR B 51 16.20 -2.25 -2.46
C THR B 51 14.96 -1.63 -1.84
N ALA B 52 15.09 -0.70 -0.90
CA ALA B 52 13.95 -0.07 -0.26
C ALA B 52 13.54 1.16 -1.07
N ILE B 53 12.81 0.90 -2.15
CA ILE B 53 12.36 1.96 -3.04
C ILE B 53 11.07 2.55 -2.51
N GLU B 54 11.05 3.87 -2.34
CA GLU B 54 9.86 4.59 -1.92
C GLU B 54 9.23 5.24 -3.14
N SER B 55 8.00 4.83 -3.46
CA SER B 55 7.36 5.22 -4.71
C SER B 55 5.92 5.65 -4.47
N SER B 56 5.41 6.46 -5.39
CA SER B 56 4.02 6.87 -5.42
C SER B 56 3.47 6.67 -6.83
N VAL B 57 2.23 6.18 -6.91
CA VAL B 57 1.59 5.84 -8.17
C VAL B 57 0.29 6.61 -8.27
N VAL B 58 0.06 7.23 -9.42
CA VAL B 58 -1.22 7.88 -9.74
C VAL B 58 -1.72 7.28 -11.04
N THR B 59 -2.88 6.63 -10.98
CA THR B 59 -3.46 5.95 -12.13
C THR B 59 -4.77 6.63 -12.53
N LYS B 60 -4.91 6.90 -13.82
CA LYS B 60 -6.11 7.55 -14.35
C LYS B 60 -6.59 6.77 -15.57
N VAL B 61 -7.85 6.39 -15.57
CA VAL B 61 -8.43 5.62 -16.67
C VAL B 61 -9.15 6.57 -17.62
N LYS B 62 -8.99 6.33 -18.92
CA LYS B 62 -9.67 7.08 -19.95
C LYS B 62 -10.28 6.12 -20.96
N GLY B 63 -11.49 6.42 -21.41
CA GLY B 63 -12.17 5.56 -22.36
C GLY B 63 -13.61 5.29 -21.99
N PHE B 64 -14.48 5.19 -22.99
CA PHE B 64 -15.91 5.03 -22.80
C PHE B 64 -16.38 3.69 -23.34
N GLY B 65 -17.51 3.21 -22.81
CA GLY B 65 -18.09 1.95 -23.24
C GLY B 65 -19.56 1.89 -22.89
N ARG B 66 -20.24 0.91 -23.50
CA ARG B 66 -21.68 0.73 -23.33
C ARG B 66 -21.93 -0.60 -22.60
N TYR B 67 -22.86 -0.59 -21.65
CA TYR B 67 -23.22 -1.84 -21.01
C TYR B 67 -24.66 -2.29 -21.27
N ALA B 68 -25.64 -1.51 -20.83
CA ALA B 68 -27.01 -1.97 -21.00
C ALA B 68 -27.69 -1.33 -22.21
N ASN B 69 -27.91 -0.01 -22.13
CA ASN B 69 -28.42 0.75 -23.28
C ASN B 69 -27.80 2.14 -23.26
N ARG B 70 -26.69 2.30 -22.56
CA ARG B 70 -26.16 3.62 -22.26
C ARG B 70 -24.64 3.55 -22.15
N VAL B 71 -23.96 4.53 -22.72
CA VAL B 71 -22.52 4.61 -22.58
C VAL B 71 -22.18 5.03 -21.16
N MET B 72 -21.01 4.61 -20.68
CA MET B 72 -20.57 4.89 -19.32
C MET B 72 -19.17 5.47 -19.37
N ASP B 73 -19.00 6.65 -18.77
CA ASP B 73 -17.73 7.34 -18.77
C ASP B 73 -16.86 6.80 -17.64
N VAL B 74 -15.74 7.49 -17.37
CA VAL B 74 -14.78 7.02 -16.37
C VAL B 74 -15.40 6.98 -14.99
N SER B 75 -16.28 7.93 -14.68
CA SER B 75 -16.85 8.02 -13.34
C SER B 75 -17.67 6.79 -12.96
N ASP B 76 -18.08 5.97 -13.95
CA ASP B 76 -19.00 4.88 -13.69
C ASP B 76 -18.28 3.56 -13.36
N TYR B 77 -17.46 3.07 -14.30
CA TYR B 77 -16.96 1.71 -14.16
C TYR B 77 -15.89 1.59 -13.09
N VAL B 78 -14.95 2.54 -13.02
CA VAL B 78 -13.87 2.42 -12.06
C VAL B 78 -14.42 2.63 -10.65
N THR B 79 -14.09 1.71 -9.75
CA THR B 79 -14.69 1.75 -8.42
C THR B 79 -14.00 2.77 -7.51
N PRO B 80 -12.68 2.74 -7.33
CA PRO B 80 -12.04 3.80 -6.54
C PRO B 80 -11.80 5.03 -7.41
N PRO B 81 -12.55 6.11 -7.19
CA PRO B 81 -12.42 7.27 -8.08
C PRO B 81 -11.14 8.05 -7.87
N GLN B 82 -10.45 7.87 -6.74
CA GLN B 82 -9.24 8.64 -6.48
C GLN B 82 -8.14 8.31 -7.48
N GLY B 83 -8.00 7.05 -7.83
CA GLY B 83 -6.91 6.63 -8.70
C GLY B 83 -5.70 6.19 -7.89
N THR B 84 -5.92 5.28 -6.95
CA THR B 84 -4.87 4.82 -6.06
C THR B 84 -3.98 3.81 -6.79
N SER B 85 -3.10 3.13 -6.05
CA SER B 85 -2.26 2.10 -6.65
C SER B 85 -3.09 0.92 -7.14
N VAL B 86 -4.24 0.66 -6.53
CA VAL B 86 -5.12 -0.44 -6.89
C VAL B 86 -6.49 0.12 -7.22
N PHE B 87 -7.00 -0.21 -8.41
CA PHE B 87 -8.32 0.18 -8.84
C PHE B 87 -8.98 -1.01 -9.54
N VAL B 88 -10.28 -0.87 -9.83
CA VAL B 88 -11.06 -1.94 -10.43
C VAL B 88 -11.77 -1.39 -11.65
N ILE B 89 -11.70 -2.11 -12.76
CA ILE B 89 -12.43 -1.78 -13.98
C ILE B 89 -13.63 -2.72 -14.04
N ILE B 90 -14.80 -2.20 -13.66
CA ILE B 90 -16.01 -3.02 -13.63
C ILE B 90 -16.45 -3.33 -15.05
N THR B 91 -16.67 -4.62 -15.33
CA THR B 91 -17.08 -5.05 -16.66
C THR B 91 -18.45 -5.72 -16.71
N LYS B 92 -18.97 -6.22 -15.59
CA LYS B 92 -20.30 -6.82 -15.60
C LYS B 92 -21.03 -6.42 -14.33
N MET B 93 -22.30 -6.06 -14.46
CA MET B 93 -23.13 -5.66 -13.32
C MET B 93 -24.40 -6.51 -13.28
N ILE B 94 -24.72 -7.01 -12.09
CA ILE B 94 -25.97 -7.71 -11.83
C ILE B 94 -26.67 -6.96 -10.73
N VAL B 95 -27.89 -6.49 -11.00
CA VAL B 95 -28.63 -5.63 -10.08
C VAL B 95 -29.80 -6.40 -9.52
N THR B 96 -29.96 -6.38 -8.19
CA THR B 96 -31.16 -6.86 -7.54
C THR B 96 -31.74 -5.70 -6.74
N GLU B 97 -32.92 -5.25 -7.14
CA GLU B 97 -33.54 -4.06 -6.55
C GLU B 97 -34.66 -4.46 -5.60
N ASN B 98 -34.90 -3.59 -4.62
CA ASN B 98 -36.00 -3.74 -3.66
C ASN B 98 -35.87 -5.05 -2.87
N GLN B 99 -34.79 -5.14 -2.09
CA GLN B 99 -34.58 -6.26 -1.20
C GLN B 99 -35.15 -5.93 0.18
N MET B 100 -36.12 -6.72 0.62
CA MET B 100 -36.79 -6.50 1.89
C MET B 100 -36.43 -7.59 2.88
N GLN B 101 -36.42 -7.24 4.16
CA GLN B 101 -36.11 -8.20 5.20
C GLN B 101 -37.25 -9.18 5.40
N GLY B 102 -36.91 -10.44 5.66
CA GLY B 102 -37.92 -11.45 5.88
C GLY B 102 -37.34 -12.85 5.72
N PHE B 103 -38.27 -13.80 5.64
CA PHE B 103 -37.94 -15.21 5.49
C PHE B 103 -38.45 -15.69 4.12
N CYS B 104 -37.61 -16.42 3.41
CA CYS B 104 -37.96 -17.00 2.12
C CYS B 104 -36.87 -17.99 1.72
N PRO B 105 -37.18 -18.94 0.84
CA PRO B 105 -36.17 -19.89 0.39
C PRO B 105 -35.16 -19.24 -0.55
N GLU B 106 -34.11 -20.00 -0.86
CA GLU B 106 -33.02 -19.56 -1.71
C GLU B 106 -33.24 -20.01 -3.15
N SER B 107 -32.73 -19.21 -4.09
CA SER B 107 -32.97 -19.43 -5.50
C SER B 107 -31.89 -20.26 -6.18
N GLU B 108 -30.87 -20.70 -5.45
CA GLU B 108 -29.78 -21.45 -6.05
C GLU B 108 -30.07 -22.95 -6.05
N GLU B 109 -29.44 -23.65 -6.99
CA GLU B 109 -29.69 -25.07 -7.18
C GLU B 109 -29.09 -25.90 -6.05
N LYS B 110 -27.84 -25.62 -5.67
CA LYS B 110 -27.10 -26.52 -4.79
C LYS B 110 -27.75 -26.71 -3.43
N TYR B 111 -28.62 -25.79 -3.02
CA TYR B 111 -29.25 -25.87 -1.70
C TYR B 111 -30.60 -26.60 -1.79
N ARG B 112 -30.54 -27.89 -2.10
CA ARG B 112 -31.73 -28.72 -2.12
C ARG B 112 -32.06 -29.20 -0.71
N CYS B 113 -33.35 -29.19 -0.38
CA CYS B 113 -33.82 -29.60 0.94
C CYS B 113 -34.98 -30.58 0.76
N VAL B 114 -34.75 -31.84 1.13
CA VAL B 114 -35.79 -32.85 1.08
C VAL B 114 -36.42 -33.13 2.44
N SER B 115 -35.70 -32.89 3.53
CA SER B 115 -36.25 -33.05 4.87
C SER B 115 -35.85 -31.84 5.71
N ASP B 116 -36.64 -31.55 6.74
CA ASP B 116 -36.44 -30.36 7.55
C ASP B 116 -35.12 -30.39 8.31
N SER B 117 -34.51 -31.56 8.49
CA SER B 117 -33.27 -31.69 9.24
C SER B 117 -32.04 -31.64 8.34
N GLN B 118 -32.21 -31.41 7.04
CA GLN B 118 -31.07 -31.38 6.13
C GLN B 118 -30.14 -30.22 6.44
N CYS B 119 -30.69 -29.04 6.70
CA CYS B 119 -29.89 -27.85 6.97
C CYS B 119 -30.02 -27.48 8.45
N GLY B 120 -28.87 -27.35 9.11
CA GLY B 120 -28.82 -26.98 10.51
C GLY B 120 -27.46 -26.40 10.86
N PRO B 121 -26.92 -26.76 12.02
CA PRO B 121 -25.55 -26.32 12.34
C PRO B 121 -24.51 -27.18 11.66
N GLN B 122 -24.75 -27.49 10.39
CA GLN B 122 -23.78 -28.15 9.52
C GLN B 122 -23.77 -27.62 8.10
N ARG B 123 -24.76 -26.81 7.71
CA ARG B 123 -24.88 -26.29 6.36
C ARG B 123 -24.30 -24.89 6.29
N PHE B 124 -23.48 -24.64 5.28
CA PHE B 124 -22.88 -23.33 5.10
C PHE B 124 -23.95 -22.34 4.61
N PRO B 125 -24.20 -21.25 5.33
CA PRO B 125 -25.21 -20.29 4.86
C PRO B 125 -24.78 -19.62 3.56
N GLY B 126 -25.77 -19.38 2.70
CA GLY B 126 -25.50 -18.74 1.43
C GLY B 126 -26.12 -17.36 1.28
N GLY B 127 -27.29 -17.17 1.88
CA GLY B 127 -27.99 -15.91 1.77
C GLY B 127 -28.33 -15.26 3.10
N GLY B 128 -28.44 -16.06 4.14
CA GLY B 128 -28.80 -15.52 5.43
C GLY B 128 -28.69 -16.57 6.53
N ILE B 129 -29.10 -16.16 7.73
CA ILE B 129 -29.06 -17.05 8.88
C ILE B 129 -30.21 -18.05 8.76
N LEU B 130 -29.89 -19.34 8.90
CA LEU B 130 -30.88 -20.38 8.71
C LEU B 130 -31.79 -20.52 9.93
N THR B 131 -32.98 -21.05 9.71
CA THR B 131 -33.96 -21.24 10.78
C THR B 131 -34.32 -22.69 11.04
N GLY B 132 -33.92 -23.62 10.17
CA GLY B 132 -34.22 -25.02 10.39
C GLY B 132 -35.58 -25.46 9.89
N ARG B 133 -36.07 -24.89 8.80
CA ARG B 133 -37.34 -25.24 8.18
C ARG B 133 -37.08 -25.77 6.78
N CYS B 134 -38.15 -25.92 5.99
CA CYS B 134 -38.02 -26.33 4.59
C CYS B 134 -39.28 -25.91 3.85
N VAL B 135 -39.11 -25.08 2.82
CA VAL B 135 -40.23 -24.57 2.02
C VAL B 135 -39.94 -24.80 0.55
N ASN B 136 -40.97 -24.66 -0.27
CA ASN B 136 -40.82 -24.77 -1.72
C ASN B 136 -40.40 -23.42 -2.32
N TYR B 137 -39.57 -23.49 -3.35
CA TYR B 137 -39.14 -22.28 -4.06
C TYR B 137 -40.12 -21.97 -5.19
N THR B 143 -34.73 -26.31 -0.81
CA THR B 143 -34.35 -24.97 -0.38
C THR B 143 -34.99 -24.61 0.95
N CYS B 144 -34.18 -24.37 1.96
CA CYS B 144 -34.69 -24.02 3.27
C CYS B 144 -34.43 -22.56 3.61
N GLU B 145 -35.24 -22.03 4.53
CA GLU B 145 -35.42 -20.59 4.69
C GLU B 145 -34.18 -19.96 5.33
N ILE B 146 -33.51 -19.12 4.54
CA ILE B 146 -32.55 -18.20 5.11
C ILE B 146 -33.28 -16.93 5.53
N GLN B 147 -32.82 -16.31 6.61
CA GLN B 147 -33.42 -15.08 7.10
C GLN B 147 -32.59 -13.90 6.67
N GLY B 148 -33.26 -12.81 6.26
CA GLY B 148 -32.54 -11.64 5.84
C GLY B 148 -33.14 -10.99 4.61
N TRP B 149 -32.30 -10.47 3.73
CA TRP B 149 -32.76 -9.81 2.52
C TRP B 149 -33.46 -10.85 1.64
N CYS B 150 -34.78 -10.70 1.48
CA CYS B 150 -35.58 -11.79 0.93
C CYS B 150 -35.30 -12.02 -0.56
N PRO B 151 -35.43 -11.03 -1.45
CA PRO B 151 -35.15 -11.30 -2.87
C PRO B 151 -33.65 -11.45 -3.13
N THR B 152 -33.11 -12.62 -2.83
CA THR B 152 -31.69 -12.86 -2.96
C THR B 152 -31.25 -12.82 -4.43
N GLU B 153 -29.94 -12.73 -4.64
CA GLU B 153 -29.37 -12.69 -5.97
C GLU B 153 -29.70 -13.92 -6.79
N VAL B 154 -30.46 -13.75 -7.86
CA VAL B 154 -30.62 -14.79 -8.87
C VAL B 154 -29.43 -14.68 -9.82
N ASP B 155 -28.36 -15.41 -9.51
CA ASP B 155 -27.10 -15.26 -10.23
C ASP B 155 -27.01 -16.28 -11.35
N THR B 156 -25.83 -16.41 -11.95
CA THR B 156 -25.57 -17.37 -13.03
C THR B 156 -26.50 -17.13 -14.22
N VAL B 157 -26.37 -15.97 -14.87
CA VAL B 157 -27.17 -15.63 -16.03
C VAL B 157 -26.25 -15.33 -17.20
N GLU B 158 -26.84 -14.95 -18.34
CA GLU B 158 -26.07 -14.68 -19.55
C GLU B 158 -25.92 -13.18 -19.76
N MET B 159 -25.69 -12.45 -18.68
CA MET B 159 -25.53 -11.00 -18.77
C MET B 159 -24.35 -10.66 -19.67
N PRO B 160 -24.52 -9.70 -20.60
CA PRO B 160 -23.41 -9.33 -21.48
C PRO B 160 -22.28 -8.62 -20.74
N VAL B 161 -21.17 -8.40 -21.45
CA VAL B 161 -19.99 -7.76 -20.80
C VAL B 161 -19.63 -6.47 -21.54
N MET B 162 -18.94 -5.55 -20.88
CA MET B 162 -18.46 -4.29 -21.44
C MET B 162 -17.29 -4.56 -22.38
N MET B 163 -17.62 -5.02 -23.58
CA MET B 163 -16.59 -5.40 -24.55
C MET B 163 -15.72 -4.22 -24.95
N GLU B 164 -16.30 -3.02 -25.06
CA GLU B 164 -15.54 -1.84 -25.42
C GLU B 164 -14.50 -1.46 -24.37
N ALA B 165 -14.58 -2.04 -23.17
CA ALA B 165 -13.52 -1.86 -22.18
C ALA B 165 -12.20 -2.46 -22.64
N GLU B 166 -12.23 -3.28 -23.70
CA GLU B 166 -11.00 -3.73 -24.32
C GLU B 166 -10.18 -2.58 -24.91
N ASN B 167 -10.79 -1.41 -25.11
CA ASN B 167 -10.10 -0.27 -25.69
C ASN B 167 -9.84 0.85 -24.69
N PHE B 168 -9.95 0.58 -23.39
CA PHE B 168 -9.65 1.60 -22.39
C PHE B 168 -8.14 1.80 -22.29
N THR B 169 -7.75 2.99 -21.81
CA THR B 169 -6.35 3.32 -21.59
C THR B 169 -6.14 3.70 -20.13
N ILE B 170 -4.97 3.36 -19.62
CA ILE B 170 -4.58 3.65 -18.24
C ILE B 170 -3.31 4.48 -18.29
N PHE B 171 -3.34 5.66 -17.69
CA PHE B 171 -2.19 6.53 -17.55
C PHE B 171 -1.63 6.35 -16.14
N ILE B 172 -0.37 5.91 -16.05
CA ILE B 172 0.28 5.61 -14.79
C ILE B 172 1.45 6.57 -14.62
N LYS B 173 1.35 7.46 -13.64
CA LYS B 173 2.45 8.36 -13.28
C LYS B 173 3.08 7.81 -12.01
N ASN B 174 4.32 7.32 -12.13
CA ASN B 174 5.04 6.72 -11.02
C ASN B 174 6.25 7.57 -10.70
N SER B 175 6.37 7.99 -9.44
CA SER B 175 7.50 8.78 -8.97
C SER B 175 8.19 8.00 -7.87
N ILE B 176 9.47 7.67 -8.08
CA ILE B 176 10.24 6.88 -7.14
C ILE B 176 11.40 7.72 -6.62
N ARG B 177 11.87 7.36 -5.42
CA ARG B 177 12.99 8.05 -4.81
C ARG B 177 13.79 7.03 -3.99
N PHE B 178 14.94 6.65 -4.50
CA PHE B 178 15.86 5.83 -3.72
C PHE B 178 16.45 6.68 -2.61
N PRO B 179 16.25 6.32 -1.34
CA PRO B 179 16.62 7.23 -0.25
C PRO B 179 18.10 7.20 0.10
N LEU B 180 18.73 6.03 -0.04
CA LEU B 180 20.14 5.91 0.34
C LEU B 180 21.03 6.82 -0.49
N PHE B 181 20.79 6.86 -1.80
CA PHE B 181 21.57 7.71 -2.71
C PHE B 181 20.88 9.03 -3.01
N ASN B 182 19.68 9.25 -2.46
CA ASN B 182 18.89 10.45 -2.74
C ASN B 182 18.73 10.64 -4.25
N PHE B 183 17.99 9.69 -4.83
CA PHE B 183 17.84 9.60 -6.29
C PHE B 183 16.35 9.64 -6.62
N GLU B 184 15.86 10.77 -7.11
CA GLU B 184 14.47 10.94 -7.47
C GLU B 184 14.30 10.80 -8.97
N LYS B 185 13.27 10.08 -9.39
CA LYS B 185 13.04 9.84 -10.81
C LYS B 185 11.57 9.54 -11.04
N GLY B 186 11.18 9.58 -12.31
CA GLY B 186 9.81 9.25 -12.70
C GLY B 186 9.81 8.59 -14.06
N ASN B 187 8.69 7.92 -14.37
CA ASN B 187 8.59 7.18 -15.62
C ASN B 187 8.29 8.06 -16.82
N LEU B 188 7.96 9.34 -16.61
CA LEU B 188 7.63 10.25 -17.71
C LEU B 188 8.92 10.77 -18.35
N LEU B 189 9.59 9.87 -19.05
CA LEU B 189 10.84 10.23 -19.74
C LEU B 189 10.51 10.98 -21.02
N PRO B 190 11.02 12.20 -21.19
CA PRO B 190 10.63 13.03 -22.35
C PRO B 190 11.42 12.77 -23.62
N ASN B 191 12.43 11.91 -23.60
CA ASN B 191 13.30 11.71 -24.77
C ASN B 191 13.11 10.34 -25.41
N LEU B 192 13.24 9.26 -24.63
CA LEU B 192 13.14 7.92 -25.18
C LEU B 192 11.71 7.41 -25.11
N ASP B 196 3.65 12.20 -29.60
CA ASP B 196 3.21 12.79 -28.35
C ASP B 196 2.39 11.81 -27.54
N MET B 197 1.84 12.27 -26.42
CA MET B 197 1.03 11.43 -25.55
C MET B 197 -0.45 11.52 -25.92
N LYS B 198 -0.77 11.34 -27.20
CA LYS B 198 -2.16 11.32 -27.65
C LYS B 198 -2.51 10.11 -28.49
N THR B 199 -1.56 9.49 -29.19
CA THR B 199 -1.81 8.28 -29.95
C THR B 199 -0.83 7.17 -29.62
N CYS B 200 0.09 7.39 -28.69
CA CYS B 200 1.07 6.37 -28.32
C CYS B 200 0.44 5.36 -27.36
N ARG B 201 0.83 4.11 -27.51
CA ARG B 201 0.45 3.03 -26.61
C ARG B 201 1.70 2.45 -25.99
N PHE B 202 1.55 1.36 -25.24
CA PHE B 202 2.68 0.65 -24.65
C PHE B 202 2.84 -0.68 -25.38
N HIS B 203 3.96 -0.83 -26.10
CA HIS B 203 4.32 -2.09 -26.73
C HIS B 203 5.78 -2.34 -26.40
N PRO B 204 6.13 -3.48 -25.82
CA PRO B 204 7.53 -3.71 -25.39
C PRO B 204 8.52 -3.75 -26.54
N ASP B 205 8.03 -3.77 -27.78
CA ASP B 205 8.88 -3.81 -28.96
C ASP B 205 9.05 -2.44 -29.61
N LYS B 206 7.95 -1.77 -29.92
CA LYS B 206 8.04 -0.49 -30.63
C LYS B 206 8.32 0.67 -29.68
N ALA B 207 7.41 0.92 -28.74
CA ALA B 207 7.52 2.04 -27.81
C ALA B 207 7.36 1.51 -26.39
N PRO B 208 8.42 0.96 -25.80
CA PRO B 208 8.31 0.35 -24.46
C PRO B 208 8.40 1.37 -23.34
N PHE B 209 8.24 2.65 -23.64
CA PHE B 209 8.42 3.70 -22.64
C PHE B 209 7.18 4.54 -22.38
N CYS B 210 6.18 4.51 -23.26
CA CYS B 210 4.98 5.29 -23.03
C CYS B 210 4.22 4.75 -21.82
N PRO B 211 3.80 5.60 -20.89
CA PRO B 211 3.08 5.12 -19.71
C PRO B 211 1.63 4.74 -19.98
N ILE B 212 1.11 5.02 -21.16
CA ILE B 212 -0.29 4.72 -21.48
C ILE B 212 -0.39 3.23 -21.82
N LEU B 213 -1.12 2.48 -20.99
CA LEU B 213 -1.28 1.04 -21.17
C LEU B 213 -2.71 0.76 -21.60
N ARG B 214 -2.85 0.09 -22.74
CA ARG B 214 -4.18 -0.32 -23.18
C ARG B 214 -4.64 -1.53 -22.36
N VAL B 215 -5.90 -1.50 -21.94
CA VAL B 215 -6.43 -2.57 -21.11
C VAL B 215 -6.40 -3.90 -21.87
N GLY B 216 -6.79 -3.87 -23.15
CA GLY B 216 -6.66 -5.06 -23.96
C GLY B 216 -5.22 -5.53 -24.09
N ASP B 217 -4.30 -4.58 -24.24
CA ASP B 217 -2.87 -4.93 -24.29
C ASP B 217 -2.40 -5.55 -22.98
N VAL B 218 -2.85 -4.99 -21.85
CA VAL B 218 -2.46 -5.53 -20.55
C VAL B 218 -2.98 -6.95 -20.39
N VAL B 219 -4.23 -7.18 -20.78
CA VAL B 219 -4.79 -8.53 -20.66
C VAL B 219 -4.07 -9.50 -21.58
N LYS B 220 -3.76 -9.07 -22.81
CA LYS B 220 -3.09 -9.96 -23.75
C LYS B 220 -1.67 -10.30 -23.30
N PHE B 221 -0.96 -9.31 -22.75
CA PHE B 221 0.43 -9.55 -22.34
C PHE B 221 0.53 -10.41 -21.10
N ALA B 222 -0.57 -10.62 -20.39
CA ALA B 222 -0.60 -11.50 -19.23
C ALA B 222 -0.91 -12.95 -19.60
N GLY B 223 -0.99 -13.26 -20.89
CA GLY B 223 -1.34 -14.60 -21.33
C GLY B 223 -2.76 -15.00 -20.97
N GLN B 224 -3.70 -14.07 -21.11
CA GLN B 224 -5.09 -14.31 -20.73
C GLN B 224 -6.02 -13.84 -21.84
N ASP B 225 -7.03 -14.65 -22.14
CA ASP B 225 -8.09 -14.22 -23.03
C ASP B 225 -8.96 -13.18 -22.33
N PHE B 226 -9.33 -12.13 -23.05
CA PHE B 226 -10.07 -11.05 -22.43
C PHE B 226 -11.53 -11.41 -22.17
N ALA B 227 -12.13 -12.24 -23.02
CA ALA B 227 -13.56 -12.55 -22.88
C ALA B 227 -13.83 -13.27 -21.57
N LYS B 228 -13.09 -14.36 -21.30
CA LYS B 228 -13.30 -15.10 -20.06
C LYS B 228 -12.91 -14.28 -18.85
N LEU B 229 -11.82 -13.51 -18.95
CA LEU B 229 -11.40 -12.68 -17.81
C LEU B 229 -12.44 -11.65 -17.45
N ALA B 230 -13.06 -11.03 -18.46
CA ALA B 230 -14.10 -10.04 -18.19
C ALA B 230 -15.38 -10.71 -17.70
N ARG B 231 -15.68 -11.91 -18.22
CA ARG B 231 -16.92 -12.57 -17.83
C ARG B 231 -16.88 -13.07 -16.38
N THR B 232 -15.74 -13.62 -15.95
CA THR B 232 -15.64 -14.16 -14.61
C THR B 232 -14.91 -13.25 -13.62
N GLY B 233 -14.05 -12.38 -14.10
CA GLY B 233 -13.33 -11.49 -13.21
C GLY B 233 -11.94 -12.04 -12.88
N GLY B 234 -11.04 -11.12 -12.54
CA GLY B 234 -9.68 -11.50 -12.20
C GLY B 234 -8.92 -10.32 -11.65
N VAL B 235 -7.77 -10.61 -11.06
CA VAL B 235 -6.92 -9.61 -10.43
C VAL B 235 -5.61 -9.59 -11.20
N LEU B 236 -5.52 -8.72 -12.20
CA LEU B 236 -4.27 -8.54 -12.92
C LEU B 236 -3.30 -7.70 -12.11
N GLY B 237 -2.05 -7.67 -12.55
CA GLY B 237 -1.04 -6.90 -11.86
C GLY B 237 0.01 -6.34 -12.79
N ILE B 238 0.25 -5.04 -12.68
CA ILE B 238 1.25 -4.33 -13.46
C ILE B 238 2.41 -4.00 -12.55
N LYS B 239 3.59 -4.51 -12.88
CA LYS B 239 4.80 -4.32 -12.09
C LYS B 239 5.73 -3.36 -12.81
N ILE B 240 6.20 -2.35 -12.08
CA ILE B 240 7.14 -1.38 -12.65
C ILE B 240 8.50 -1.57 -11.99
N GLY B 241 9.34 -2.39 -12.61
CA GLY B 241 10.67 -2.62 -12.07
C GLY B 241 11.57 -1.44 -12.33
N TRP B 242 12.02 -0.78 -11.26
CA TRP B 242 12.94 0.35 -11.36
C TRP B 242 14.35 -0.18 -11.06
N VAL B 243 14.92 -0.88 -12.04
CA VAL B 243 16.28 -1.39 -11.94
C VAL B 243 17.19 -0.44 -12.69
N CYS B 244 18.13 0.19 -11.97
CA CYS B 244 18.98 1.21 -12.56
C CYS B 244 20.40 1.06 -12.02
N ASP B 245 21.35 1.55 -12.80
CA ASP B 245 22.77 1.59 -12.43
C ASP B 245 23.14 3.06 -12.29
N LEU B 246 23.22 3.55 -11.06
CA LEU B 246 23.44 4.98 -10.83
C LEU B 246 24.84 5.44 -11.20
N ASP B 247 25.77 4.52 -11.45
CA ASP B 247 27.10 4.92 -11.89
C ASP B 247 27.07 5.56 -13.28
N ARG B 248 26.05 5.27 -14.07
CA ARG B 248 25.90 5.87 -15.39
C ARG B 248 25.19 7.22 -15.25
N ALA B 249 24.75 7.78 -16.38
CA ALA B 249 24.10 9.08 -16.36
C ALA B 249 22.69 8.98 -15.76
N TRP B 250 22.11 10.15 -15.49
CA TRP B 250 20.76 10.20 -14.92
C TRP B 250 19.71 9.67 -15.90
N ASP B 251 19.89 9.92 -17.19
CA ASP B 251 18.92 9.46 -18.18
C ASP B 251 18.93 7.96 -18.39
N GLN B 252 19.96 7.26 -17.91
CA GLN B 252 20.04 5.81 -18.12
C GLN B 252 19.05 5.04 -17.25
N CYS B 253 18.69 5.57 -16.09
CA CYS B 253 17.75 4.91 -15.19
C CYS B 253 16.37 4.89 -15.84
N ILE B 254 15.91 3.71 -16.22
CA ILE B 254 14.66 3.57 -16.96
C ILE B 254 13.79 2.51 -16.27
N PRO B 255 12.46 2.62 -16.33
CA PRO B 255 11.60 1.60 -15.75
C PRO B 255 11.20 0.54 -16.76
N LYS B 256 10.98 -0.67 -16.26
CA LYS B 256 10.56 -1.80 -17.08
C LYS B 256 9.18 -2.25 -16.63
N TYR B 257 8.23 -2.32 -17.56
CA TYR B 257 6.87 -2.71 -17.24
C TYR B 257 6.68 -4.20 -17.52
N SER B 258 6.07 -4.91 -16.58
CA SER B 258 5.71 -6.30 -16.74
C SER B 258 4.30 -6.52 -16.24
N PHE B 259 3.67 -7.60 -16.68
CA PHE B 259 2.29 -7.89 -16.34
C PHE B 259 2.15 -9.34 -15.91
N THR B 260 1.22 -9.58 -14.98
CA THR B 260 0.99 -10.93 -14.48
C THR B 260 -0.44 -11.01 -13.96
N ARG B 261 -0.82 -12.21 -13.53
CA ARG B 261 -2.10 -12.46 -12.87
C ARG B 261 -1.84 -13.04 -11.49
N LEU B 262 -2.51 -12.49 -10.48
CA LEU B 262 -2.27 -12.88 -9.09
C LEU B 262 -3.54 -13.45 -8.45
N ASP B 263 -4.38 -14.11 -9.24
CA ASP B 263 -5.60 -14.75 -8.75
C ASP B 263 -5.72 -16.16 -9.32
N GLY B 264 -4.62 -16.89 -9.29
CA GLY B 264 -4.62 -18.27 -9.76
C GLY B 264 -4.48 -19.26 -8.63
N VAL B 265 -5.45 -20.16 -8.51
CA VAL B 265 -5.42 -21.14 -7.41
C VAL B 265 -4.45 -22.27 -7.71
N SER B 266 -4.67 -22.98 -8.82
CA SER B 266 -3.82 -24.09 -9.20
C SER B 266 -3.95 -24.39 -10.68
N SER B 272 -13.91 -21.60 -6.83
CA SER B 272 -14.48 -20.81 -7.92
C SER B 272 -13.63 -19.58 -8.20
N PRO B 273 -12.78 -19.66 -9.22
CA PRO B 273 -11.93 -18.51 -9.57
C PRO B 273 -12.77 -17.32 -10.03
N GLY B 274 -12.27 -16.13 -9.74
CA GLY B 274 -12.96 -14.91 -10.13
C GLY B 274 -12.76 -13.77 -9.16
N TYR B 275 -13.39 -12.63 -9.44
CA TYR B 275 -13.27 -11.45 -8.58
C TYR B 275 -14.58 -10.67 -8.67
N ASN B 276 -15.45 -10.88 -7.69
CA ASN B 276 -16.75 -10.23 -7.64
C ASN B 276 -16.91 -9.50 -6.32
N PHE B 277 -17.50 -8.31 -6.37
CA PHE B 277 -17.72 -7.55 -5.14
C PHE B 277 -19.00 -6.74 -5.28
N ARG B 278 -19.63 -6.46 -4.15
CA ARG B 278 -21.01 -5.98 -4.13
C ARG B 278 -21.13 -4.65 -3.41
N PHE B 279 -21.88 -3.72 -3.99
CA PHE B 279 -22.28 -2.48 -3.35
C PHE B 279 -23.73 -2.58 -2.89
N ALA B 280 -24.04 -1.92 -1.78
CA ALA B 280 -25.40 -1.84 -1.27
C ALA B 280 -25.81 -0.38 -1.16
N LYS B 281 -26.97 -0.06 -1.73
CA LYS B 281 -27.54 1.28 -1.62
C LYS B 281 -28.88 1.17 -0.91
N TYR B 282 -29.03 1.90 0.19
CA TYR B 282 -30.20 1.79 1.05
C TYR B 282 -31.11 3.00 0.88
N TYR B 283 -32.42 2.75 1.00
CA TYR B 283 -33.39 3.83 1.03
C TYR B 283 -34.61 3.36 1.82
N LYS B 284 -35.26 4.32 2.49
CA LYS B 284 -36.45 4.05 3.30
C LYS B 284 -37.58 4.92 2.76
N MET B 285 -38.50 4.30 2.02
CA MET B 285 -39.64 5.02 1.50
C MET B 285 -40.63 5.35 2.62
N GLU B 286 -41.42 6.41 2.41
CA GLU B 286 -42.20 7.01 3.48
C GLU B 286 -43.28 6.06 4.01
N ASN B 287 -43.59 5.00 3.27
CA ASN B 287 -44.59 4.03 3.69
C ASN B 287 -44.02 2.95 4.62
N GLY B 288 -42.89 3.28 5.25
CA GLY B 288 -42.39 2.55 6.42
C GLY B 288 -41.35 1.48 6.19
N SER B 289 -41.47 0.73 5.10
CA SER B 289 -40.58 -0.40 4.87
C SER B 289 -39.16 0.06 4.58
N GLU B 290 -38.20 -0.77 4.97
CA GLU B 290 -36.78 -0.51 4.75
C GLU B 290 -36.30 -1.37 3.60
N TYR B 291 -35.74 -0.72 2.58
CA TYR B 291 -35.35 -1.37 1.34
C TYR B 291 -33.84 -1.35 1.16
N ARG B 292 -33.37 -2.04 0.12
CA ARG B 292 -31.96 -2.12 -0.20
C ARG B 292 -31.77 -2.66 -1.61
N THR B 293 -30.93 -2.01 -2.41
CA THR B 293 -30.59 -2.51 -3.73
C THR B 293 -29.12 -2.93 -3.75
N LEU B 294 -28.86 -4.10 -4.32
CA LEU B 294 -27.56 -4.75 -4.26
C LEU B 294 -27.01 -4.87 -5.68
N LEU B 295 -25.82 -4.33 -5.91
CA LEU B 295 -25.17 -4.34 -7.21
C LEU B 295 -23.93 -5.21 -7.12
N LYS B 296 -23.94 -6.35 -7.82
CA LYS B 296 -22.81 -7.27 -7.85
C LYS B 296 -21.99 -6.96 -9.10
N ALA B 297 -20.72 -6.62 -8.90
CA ALA B 297 -19.83 -6.21 -9.97
C ALA B 297 -18.75 -7.26 -10.17
N PHE B 298 -18.61 -7.72 -11.41
CA PHE B 298 -17.50 -8.56 -11.86
C PHE B 298 -16.57 -7.64 -12.63
N GLY B 299 -15.37 -7.41 -12.10
CA GLY B 299 -14.41 -6.50 -12.69
C GLY B 299 -13.05 -7.15 -12.87
N ILE B 300 -12.13 -6.34 -13.38
CA ILE B 300 -10.74 -6.76 -13.59
C ILE B 300 -9.89 -5.81 -12.76
N ARG B 301 -9.59 -6.22 -11.53
CA ARG B 301 -8.83 -5.37 -10.62
C ARG B 301 -7.37 -5.31 -11.04
N PHE B 302 -6.82 -4.11 -11.13
CA PHE B 302 -5.44 -3.90 -11.51
C PHE B 302 -4.62 -3.50 -10.28
N ASP B 303 -3.52 -4.20 -10.05
CA ASP B 303 -2.59 -3.88 -8.98
C ASP B 303 -1.30 -3.35 -9.58
N VAL B 304 -0.86 -2.20 -9.09
CA VAL B 304 0.39 -1.59 -9.53
C VAL B 304 1.42 -1.81 -8.43
N LEU B 305 2.44 -2.62 -8.73
CA LEU B 305 3.48 -2.96 -7.77
C LEU B 305 4.80 -2.38 -8.27
N VAL B 306 5.47 -1.63 -7.39
CA VAL B 306 6.72 -0.96 -7.74
C VAL B 306 7.86 -1.65 -7.00
N TYR B 307 8.85 -2.11 -7.75
CA TYR B 307 10.03 -2.77 -7.20
C TYR B 307 11.27 -2.10 -7.77
N GLY B 308 12.29 -1.95 -6.93
CA GLY B 308 13.50 -1.28 -7.33
C GLY B 308 14.72 -1.93 -6.73
N ASN B 309 15.85 -1.78 -7.42
CA ASN B 309 17.12 -2.33 -6.97
C ASN B 309 18.22 -1.47 -7.59
N ALA B 310 18.81 -0.58 -6.81
CA ALA B 310 19.76 0.39 -7.32
C ALA B 310 21.12 0.18 -6.67
N GLY B 311 22.16 0.04 -7.49
CA GLY B 311 23.50 -0.16 -6.97
C GLY B 311 24.42 1.01 -7.24
N LYS B 312 25.07 1.51 -6.21
CA LYS B 312 26.00 2.64 -6.33
C LYS B 312 27.36 2.26 -5.76
N PHE B 313 28.41 2.72 -6.42
CA PHE B 313 29.76 2.41 -5.99
C PHE B 313 30.04 3.00 -4.61
N ASN B 314 30.63 2.19 -3.72
CA ASN B 314 30.98 2.63 -2.39
C ASN B 314 32.38 2.11 -2.05
N ILE B 315 33.07 2.85 -1.18
CA ILE B 315 34.46 2.53 -0.88
C ILE B 315 34.57 1.20 -0.13
N ILE B 316 33.71 0.99 0.87
CA ILE B 316 33.84 -0.21 1.70
C ILE B 316 33.64 -1.50 0.90
N PRO B 317 32.55 -1.68 0.13
CA PRO B 317 32.44 -2.90 -0.68
C PRO B 317 33.56 -3.04 -1.69
N THR B 318 34.06 -1.93 -2.25
CA THR B 318 35.17 -2.02 -3.20
C THR B 318 36.42 -2.57 -2.52
N ILE B 319 36.72 -2.09 -1.31
CA ILE B 319 37.89 -2.58 -0.59
C ILE B 319 37.71 -4.05 -0.22
N ILE B 320 36.51 -4.42 0.24
CA ILE B 320 36.25 -5.81 0.61
C ILE B 320 36.44 -6.72 -0.60
N SER B 321 35.87 -6.33 -1.73
CA SER B 321 35.97 -7.14 -2.95
C SER B 321 37.41 -7.23 -3.44
N SER B 322 38.16 -6.12 -3.37
CA SER B 322 39.55 -6.15 -3.79
C SER B 322 40.38 -7.07 -2.92
N VAL B 323 40.17 -7.03 -1.60
CA VAL B 323 40.90 -7.90 -0.70
C VAL B 323 40.57 -9.36 -0.98
N ALA B 324 39.29 -9.67 -1.16
CA ALA B 324 38.88 -11.04 -1.44
C ALA B 324 39.45 -11.51 -2.77
N ALA B 325 39.46 -10.63 -3.79
CA ALA B 325 40.02 -11.01 -5.08
C ALA B 325 41.52 -11.28 -4.98
N PHE B 326 42.23 -10.45 -4.21
CA PHE B 326 43.66 -10.67 -4.02
C PHE B 326 43.92 -12.02 -3.36
N THR B 327 43.16 -12.33 -2.30
CA THR B 327 43.36 -13.59 -1.61
C THR B 327 42.99 -14.78 -2.51
N SER B 328 41.92 -14.65 -3.28
CA SER B 328 41.52 -15.72 -4.20
C SER B 328 42.56 -15.94 -5.29
N VAL B 329 43.15 -14.85 -5.80
CA VAL B 329 44.21 -14.99 -6.80
C VAL B 329 45.42 -15.68 -6.19
N GLY B 330 45.76 -15.32 -4.94
CA GLY B 330 46.85 -16.01 -4.27
C GLY B 330 46.59 -17.50 -4.10
N VAL B 331 45.36 -17.86 -3.70
CA VAL B 331 45.01 -19.26 -3.54
C VAL B 331 45.08 -19.98 -4.88
N GLY B 332 44.59 -19.34 -5.94
CA GLY B 332 44.66 -19.95 -7.26
C GLY B 332 46.09 -20.17 -7.72
N THR B 333 46.98 -19.21 -7.45
CA THR B 333 48.38 -19.38 -7.79
C THR B 333 49.01 -20.51 -6.98
N VAL B 334 48.63 -20.63 -5.70
CA VAL B 334 49.15 -21.70 -4.86
C VAL B 334 48.69 -23.06 -5.38
N LEU B 335 47.47 -23.13 -5.90
CA LEU B 335 46.96 -24.40 -6.42
C LEU B 335 47.47 -24.72 -7.82
N CYS B 336 47.79 -23.69 -8.61
CA CYS B 336 48.08 -23.91 -10.03
C CYS B 336 49.40 -24.65 -10.23
N ASP B 337 50.46 -24.24 -9.53
CA ASP B 337 51.73 -24.93 -9.68
C ASP B 337 51.63 -26.38 -9.22
N ILE B 338 50.88 -26.62 -8.14
CA ILE B 338 50.69 -27.98 -7.64
C ILE B 338 49.97 -28.83 -8.68
N ILE B 339 48.86 -28.31 -9.23
CA ILE B 339 48.09 -29.11 -10.18
C ILE B 339 48.86 -29.30 -11.48
N LEU B 340 49.72 -28.35 -11.84
CA LEU B 340 50.51 -28.51 -13.06
C LEU B 340 51.64 -29.52 -12.85
N LEU B 341 52.31 -29.47 -11.71
CA LEU B 341 53.39 -30.41 -11.45
C LEU B 341 52.87 -31.83 -11.29
N ASN B 342 51.76 -32.00 -10.58
CA ASN B 342 51.19 -33.33 -10.37
C ASN B 342 50.30 -33.78 -11.50
N PHE B 343 49.95 -32.90 -12.44
CA PHE B 343 49.11 -33.21 -13.58
C PHE B 343 47.76 -33.80 -13.16
N LEU B 344 47.24 -33.35 -12.02
CA LEU B 344 45.98 -33.84 -11.50
C LEU B 344 45.38 -32.87 -10.49
N ILE C 23 50.67 -33.69 17.32
CA ILE C 23 49.32 -33.73 16.78
C ILE C 23 48.47 -32.63 17.40
N ASN C 24 49.02 -31.97 18.43
CA ASN C 24 48.28 -30.92 19.13
C ASN C 24 47.97 -29.74 18.21
N ARG C 25 48.96 -29.31 17.43
CA ARG C 25 48.75 -28.15 16.56
C ARG C 25 47.69 -28.44 15.49
N ALA C 26 47.74 -29.63 14.88
CA ALA C 26 46.77 -29.98 13.86
C ALA C 26 45.37 -30.07 14.44
N VAL C 27 45.23 -30.70 15.61
CA VAL C 27 43.93 -30.82 16.25
C VAL C 27 43.39 -29.44 16.61
N GLN C 28 44.25 -28.56 17.15
CA GLN C 28 43.80 -27.24 17.53
C GLN C 28 43.37 -26.41 16.32
N LEU C 29 44.14 -26.46 15.23
CA LEU C 29 43.77 -25.70 14.04
C LEU C 29 42.48 -26.25 13.43
N LEU C 30 42.31 -27.58 13.45
CA LEU C 30 41.07 -28.16 12.96
C LEU C 30 39.88 -27.72 13.80
N ILE C 31 40.04 -27.67 15.12
CA ILE C 31 38.96 -27.22 16.00
C ILE C 31 38.62 -25.76 15.73
N ILE C 32 39.65 -24.93 15.57
CA ILE C 32 39.41 -23.51 15.29
C ILE C 32 38.69 -23.34 13.96
N SER C 33 39.12 -24.09 12.93
CA SER C 33 38.46 -24.00 11.63
C SER C 33 37.02 -24.48 11.72
N TYR C 34 36.76 -25.55 12.47
CA TYR C 34 35.40 -26.05 12.63
C TYR C 34 34.52 -25.03 13.32
N PHE C 35 35.03 -24.38 14.37
CA PHE C 35 34.25 -23.36 15.05
C PHE C 35 33.97 -22.17 14.13
N VAL C 36 34.98 -21.75 13.36
CA VAL C 36 34.78 -20.64 12.43
C VAL C 36 33.73 -21.01 11.38
N GLY C 37 33.80 -22.23 10.86
CA GLY C 37 32.79 -22.67 9.90
C GLY C 37 31.40 -22.72 10.51
N TRP C 38 31.29 -23.18 11.75
CA TRP C 38 30.00 -23.18 12.43
C TRP C 38 29.45 -21.76 12.54
N VAL C 39 30.29 -20.82 12.98
CA VAL C 39 29.85 -19.44 13.13
C VAL C 39 29.42 -18.85 11.79
N PHE C 40 30.17 -19.14 10.73
CA PHE C 40 29.89 -18.56 9.43
C PHE C 40 28.64 -19.16 8.79
N LEU C 41 28.66 -20.47 8.53
CA LEU C 41 27.53 -21.09 7.86
C LEU C 41 26.25 -21.10 8.71
N HIS C 42 26.38 -21.06 10.04
CA HIS C 42 25.17 -20.98 10.86
C HIS C 42 24.44 -19.66 10.65
N GLU C 43 25.19 -18.56 10.54
CA GLU C 43 24.62 -17.24 10.33
C GLU C 43 24.47 -16.90 8.85
N LYS C 44 24.77 -17.84 7.96
CA LYS C 44 24.63 -17.66 6.52
C LYS C 44 25.46 -16.47 6.03
N ALA C 45 26.78 -16.61 6.17
CA ALA C 45 27.68 -15.61 5.60
C ALA C 45 27.56 -15.57 4.08
N TYR C 46 27.43 -16.73 3.45
CA TYR C 46 27.05 -16.82 2.04
C TYR C 46 25.54 -16.65 1.94
N GLN C 47 24.96 -16.99 0.78
CA GLN C 47 23.51 -16.87 0.56
C GLN C 47 23.08 -15.40 0.68
N VAL C 48 23.53 -14.61 -0.31
CA VAL C 48 23.12 -13.22 -0.41
C VAL C 48 21.61 -13.10 -0.24
N ARG C 49 21.19 -12.05 0.47
CA ARG C 49 19.83 -11.91 0.95
C ARG C 49 19.10 -10.80 0.20
N ASP C 50 17.84 -11.05 -0.12
CA ASP C 50 16.96 -10.06 -0.73
C ASP C 50 15.76 -9.85 0.17
N THR C 51 15.41 -8.58 0.41
CA THR C 51 14.32 -8.21 1.29
C THR C 51 13.23 -7.40 0.61
N ALA C 52 13.38 -7.10 -0.68
CA ALA C 52 12.38 -6.32 -1.41
C ALA C 52 11.36 -7.28 -2.02
N ILE C 53 10.44 -7.72 -1.18
CA ILE C 53 9.40 -8.67 -1.60
C ILE C 53 8.25 -7.90 -2.23
N GLU C 54 7.89 -8.28 -3.45
CA GLU C 54 6.74 -7.71 -4.14
C GLU C 54 5.56 -8.67 -4.03
N SER C 55 4.49 -8.22 -3.38
CA SER C 55 3.38 -9.09 -3.03
C SER C 55 2.05 -8.43 -3.34
N SER C 56 1.05 -9.28 -3.54
CA SER C 56 -0.34 -8.85 -3.72
C SER C 56 -1.23 -9.66 -2.79
N VAL C 57 -2.20 -8.98 -2.19
CA VAL C 57 -3.10 -9.57 -1.20
C VAL C 57 -4.53 -9.39 -1.67
N VAL C 58 -5.31 -10.47 -1.60
CA VAL C 58 -6.75 -10.41 -1.86
C VAL C 58 -7.46 -10.99 -0.65
N THR C 59 -8.26 -10.18 0.02
CA THR C 59 -8.96 -10.57 1.24
C THR C 59 -10.47 -10.59 0.99
N LYS C 60 -11.10 -11.68 1.41
CA LYS C 60 -12.55 -11.83 1.25
C LYS C 60 -13.14 -12.28 2.57
N VAL C 61 -14.15 -11.57 3.06
CA VAL C 61 -14.80 -11.90 4.33
C VAL C 61 -16.05 -12.72 4.06
N LYS C 62 -16.26 -13.74 4.88
CA LYS C 62 -17.46 -14.58 4.81
C LYS C 62 -18.03 -14.74 6.21
N GLY C 63 -19.35 -14.68 6.32
CA GLY C 63 -20.01 -14.79 7.61
C GLY C 63 -21.09 -13.76 7.82
N PHE C 64 -22.17 -14.14 8.49
CA PHE C 64 -23.33 -13.29 8.70
C PHE C 64 -23.50 -12.99 10.18
N GLY C 65 -24.17 -11.86 10.47
CA GLY C 65 -24.46 -11.46 11.83
C GLY C 65 -25.63 -10.51 11.89
N ARG C 66 -26.14 -10.30 13.10
CA ARG C 66 -27.30 -9.45 13.36
C ARG C 66 -26.87 -8.23 14.16
N TYR C 67 -27.38 -7.06 13.79
CA TYR C 67 -27.10 -5.89 14.61
C TYR C 67 -28.32 -5.28 15.28
N ALA C 68 -29.29 -4.81 14.51
CA ALA C 68 -30.43 -4.15 15.14
C ALA C 68 -31.64 -5.08 15.25
N ASN C 69 -32.22 -5.45 14.12
CA ASN C 69 -33.29 -6.45 14.08
C ASN C 69 -33.17 -7.27 12.80
N ARG C 70 -31.98 -7.25 12.18
CA ARG C 70 -31.82 -7.77 10.83
C ARG C 70 -30.42 -8.33 10.67
N VAL C 71 -30.31 -9.47 10.03
CA VAL C 71 -28.99 -10.04 9.73
C VAL C 71 -28.34 -9.19 8.63
N MET C 72 -27.02 -9.17 8.62
CA MET C 72 -26.25 -8.38 7.66
C MET C 72 -25.22 -9.27 7.01
N ASP C 73 -25.22 -9.33 5.68
CA ASP C 73 -24.31 -10.17 4.94
C ASP C 73 -22.98 -9.43 4.75
N VAL C 74 -22.11 -9.98 3.90
CA VAL C 74 -20.78 -9.42 3.70
C VAL C 74 -20.85 -8.01 3.12
N SER C 75 -21.84 -7.75 2.26
CA SER C 75 -21.91 -6.45 1.59
C SER C 75 -22.14 -5.31 2.57
N ASP C 76 -22.58 -5.59 3.79
CA ASP C 76 -22.97 -4.54 4.72
C ASP C 76 -21.81 -4.08 5.61
N TYR C 77 -21.24 -4.99 6.40
CA TYR C 77 -20.33 -4.56 7.46
C TYR C 77 -18.98 -4.12 6.91
N VAL C 78 -18.42 -4.86 5.94
CA VAL C 78 -17.10 -4.51 5.44
C VAL C 78 -17.18 -3.23 4.64
N THR C 79 -16.30 -2.28 4.95
CA THR C 79 -16.39 -0.96 4.33
C THR C 79 -15.80 -0.94 2.93
N PRO C 80 -14.56 -1.36 2.71
CA PRO C 80 -14.05 -1.44 1.34
C PRO C 80 -14.51 -2.72 0.68
N PRO C 81 -15.44 -2.65 -0.28
CA PRO C 81 -15.98 -3.89 -0.86
C PRO C 81 -15.01 -4.60 -1.78
N GLN C 82 -13.96 -3.93 -2.26
CA GLN C 82 -13.04 -4.55 -3.20
C GLN C 82 -12.29 -5.71 -2.56
N GLY C 83 -11.89 -5.57 -1.30
CA GLY C 83 -11.09 -6.56 -0.64
C GLY C 83 -9.61 -6.27 -0.80
N THR C 84 -9.20 -5.05 -0.45
CA THR C 84 -7.81 -4.62 -0.61
C THR C 84 -6.97 -5.20 0.53
N SER C 85 -5.73 -4.72 0.64
CA SER C 85 -4.86 -5.16 1.73
C SER C 85 -5.40 -4.73 3.09
N VAL C 86 -6.13 -3.62 3.14
CA VAL C 86 -6.70 -3.08 4.37
C VAL C 86 -8.20 -2.96 4.21
N PHE C 87 -8.95 -3.57 5.13
CA PHE C 87 -10.40 -3.48 5.16
C PHE C 87 -10.84 -3.29 6.60
N VAL C 88 -12.13 -3.00 6.77
CA VAL C 88 -12.70 -2.71 8.09
C VAL C 88 -13.92 -3.60 8.30
N ILE C 89 -14.00 -4.24 9.46
CA ILE C 89 -15.16 -5.02 9.85
C ILE C 89 -15.96 -4.17 10.82
N ILE C 90 -17.04 -3.56 10.33
CA ILE C 90 -17.85 -2.67 11.16
C ILE C 90 -18.62 -3.49 12.19
N THR C 91 -18.52 -3.10 13.45
CA THR C 91 -19.19 -3.82 14.52
C THR C 91 -20.22 -2.99 15.29
N LYS C 92 -20.15 -1.66 15.23
CA LYS C 92 -21.14 -0.84 15.91
C LYS C 92 -21.49 0.35 15.01
N MET C 93 -22.78 0.66 14.92
CA MET C 93 -23.26 1.77 14.11
C MET C 93 -24.11 2.71 14.97
N ILE C 94 -23.85 4.01 14.86
CA ILE C 94 -24.65 5.04 15.48
C ILE C 94 -25.14 5.95 14.37
N VAL C 95 -26.46 6.07 14.24
CA VAL C 95 -27.08 6.79 13.13
C VAL C 95 -27.70 8.08 13.65
N THR C 96 -27.39 9.20 13.00
CA THR C 96 -28.10 10.45 13.24
C THR C 96 -28.71 10.89 11.90
N GLU C 97 -30.03 10.90 11.84
CA GLU C 97 -30.75 11.17 10.61
C GLU C 97 -31.30 12.60 10.61
N ASN C 98 -31.46 13.14 9.41
CA ASN C 98 -32.07 14.46 9.20
C ASN C 98 -31.29 15.56 9.92
N GLN C 99 -30.04 15.74 9.49
CA GLN C 99 -29.20 16.82 10.01
C GLN C 99 -29.35 18.04 9.09
N MET C 100 -29.82 19.15 9.68
CA MET C 100 -30.07 20.38 8.94
C MET C 100 -29.06 21.45 9.36
N GLN C 101 -28.74 22.33 8.42
CA GLN C 101 -27.81 23.42 8.70
C GLN C 101 -28.46 24.47 9.59
N GLY C 102 -27.68 25.03 10.50
CA GLY C 102 -28.19 26.05 11.38
C GLY C 102 -27.31 26.23 12.60
N PHE C 103 -27.85 26.95 13.56
CA PHE C 103 -27.19 27.24 14.83
C PHE C 103 -27.94 26.57 15.97
N CYS C 104 -27.20 25.91 16.85
CA CYS C 104 -27.78 25.26 18.03
C CYS C 104 -26.63 24.85 18.95
N PRO C 105 -26.91 24.65 20.24
CA PRO C 105 -25.86 24.22 21.17
C PRO C 105 -25.48 22.77 20.94
N GLU C 106 -24.42 22.37 21.63
CA GLU C 106 -23.87 21.02 21.54
C GLU C 106 -24.41 20.14 22.66
N SER C 107 -24.52 18.85 22.39
CA SER C 107 -25.14 17.89 23.30
C SER C 107 -24.14 17.20 24.22
N GLU C 108 -22.86 17.52 24.13
CA GLU C 108 -21.85 16.85 24.94
C GLU C 108 -21.65 17.58 26.27
N GLU C 109 -21.18 16.82 27.25
CA GLU C 109 -21.03 17.34 28.61
C GLU C 109 -19.86 18.32 28.70
N LYS C 110 -18.72 17.97 28.13
CA LYS C 110 -17.48 18.71 28.39
C LYS C 110 -17.54 20.16 27.94
N TYR C 111 -18.47 20.51 27.06
CA TYR C 111 -18.57 21.88 26.55
C TYR C 111 -19.56 22.70 27.39
N ARG C 112 -19.21 22.92 28.64
CA ARG C 112 -20.02 23.77 29.51
C ARG C 112 -19.69 25.24 29.26
N CYS C 113 -20.73 26.07 29.25
CA CYS C 113 -20.59 27.51 29.00
C CYS C 113 -21.37 28.25 30.07
N VAL C 114 -20.65 28.97 30.94
CA VAL C 114 -21.28 29.77 31.97
C VAL C 114 -21.31 31.26 31.62
N SER C 115 -20.37 31.73 30.79
CA SER C 115 -20.37 33.11 30.32
C SER C 115 -20.10 33.12 28.83
N ASP C 116 -20.55 34.19 28.17
CA ASP C 116 -20.47 34.27 26.72
C ASP C 116 -19.02 34.31 26.22
N SER C 117 -18.06 34.66 27.07
CA SER C 117 -16.66 34.76 26.67
C SER C 117 -15.89 33.48 26.93
N GLN C 118 -16.55 32.41 27.39
CA GLN C 118 -15.84 31.17 27.68
C GLN C 118 -15.27 30.55 26.41
N CYS C 119 -16.04 30.53 25.33
CA CYS C 119 -15.61 29.92 24.07
C CYS C 119 -15.33 31.02 23.05
N GLY C 120 -14.14 30.99 22.47
CA GLY C 120 -13.73 31.95 21.47
C GLY C 120 -12.59 31.39 20.64
N PRO C 121 -11.61 32.23 20.31
CA PRO C 121 -10.42 31.72 19.62
C PRO C 121 -9.45 31.05 20.58
N GLN C 122 -10.00 30.24 21.50
CA GLN C 122 -9.22 29.39 22.38
C GLN C 122 -9.86 28.04 22.62
N ARG C 123 -11.12 27.84 22.23
CA ARG C 123 -11.84 26.60 22.46
C ARG C 123 -11.78 25.72 21.22
N PHE C 124 -11.46 24.46 21.40
CA PHE C 124 -11.40 23.52 20.28
C PHE C 124 -12.81 23.20 19.80
N PRO C 125 -13.13 23.44 18.53
CA PRO C 125 -14.48 23.13 18.05
C PRO C 125 -14.75 21.65 18.06
N GLY C 126 -15.99 21.28 18.39
CA GLY C 126 -16.38 19.89 18.43
C GLY C 126 -17.40 19.50 17.38
N GLY C 127 -18.31 20.42 17.07
CA GLY C 127 -19.36 20.14 16.10
C GLY C 127 -19.41 21.10 14.94
N GLY C 128 -18.91 22.31 15.12
CA GLY C 128 -18.97 23.29 14.06
C GLY C 128 -18.19 24.53 14.42
N ILE C 129 -18.26 25.52 13.52
CA ILE C 129 -17.58 26.78 13.72
C ILE C 129 -18.32 27.59 14.77
N LEU C 130 -17.59 28.08 15.78
CA LEU C 130 -18.22 28.78 16.90
C LEU C 130 -18.57 30.21 16.50
N THR C 131 -19.54 30.78 17.23
CA THR C 131 -20.00 32.14 16.97
C THR C 131 -19.78 33.09 18.14
N GLY C 132 -19.43 32.58 19.31
CA GLY C 132 -19.19 33.45 20.45
C GLY C 132 -20.43 33.83 21.24
N ARG C 133 -21.40 32.93 21.34
CA ARG C 133 -22.63 33.15 22.09
C ARG C 133 -22.71 32.10 23.21
N CYS C 134 -23.88 32.01 23.84
CA CYS C 134 -24.10 30.99 24.88
C CYS C 134 -25.61 30.78 25.02
N VAL C 135 -26.06 29.55 24.79
CA VAL C 135 -27.48 29.20 24.87
C VAL C 135 -27.64 27.97 25.76
N ASN C 136 -28.88 27.72 26.15
CA ASN C 136 -29.20 26.53 26.94
C ASN C 136 -29.45 25.33 26.04
N TYR C 137 -29.03 24.16 26.49
CA TYR C 137 -29.26 22.92 25.76
C TYR C 137 -30.61 22.32 26.15
N THR C 143 -22.99 25.19 27.12
CA THR C 143 -22.93 24.83 25.71
C THR C 143 -23.17 26.04 24.83
N CYS C 144 -22.17 26.40 24.02
CA CYS C 144 -22.30 27.55 23.14
C CYS C 144 -22.41 27.11 21.69
N GLU C 145 -22.99 28.00 20.88
CA GLU C 145 -23.54 27.63 19.57
C GLU C 145 -22.42 27.35 18.57
N ILE C 146 -22.35 26.09 18.16
CA ILE C 146 -21.58 25.76 16.96
C ILE C 146 -22.48 25.89 15.75
N GLN C 147 -21.91 26.32 14.63
CA GLN C 147 -22.65 26.50 13.40
C GLN C 147 -22.43 25.31 12.48
N GLY C 148 -23.50 24.84 11.84
CA GLY C 148 -23.36 23.71 10.94
C GLY C 148 -24.50 22.74 11.06
N TRP C 149 -24.21 21.44 10.94
CA TRP C 149 -25.24 20.40 11.02
C TRP C 149 -25.83 20.42 12.43
N CYS C 150 -27.11 20.83 12.52
CA CYS C 150 -27.67 21.17 13.84
C CYS C 150 -27.83 19.94 14.73
N PRO C 151 -28.56 18.89 14.33
CA PRO C 151 -28.71 17.73 15.23
C PRO C 151 -27.42 16.93 15.31
N THR C 152 -26.47 17.39 16.12
CA THR C 152 -25.18 16.75 16.22
C THR C 152 -25.30 15.37 16.86
N GLU C 153 -24.22 14.59 16.74
CA GLU C 153 -24.17 13.24 17.28
C GLU C 153 -24.36 13.22 18.80
N VAL C 154 -25.46 12.63 19.25
CA VAL C 154 -25.61 12.30 20.66
C VAL C 154 -24.90 10.97 20.91
N ASP C 155 -23.62 11.04 21.26
CA ASP C 155 -22.79 9.85 21.33
C ASP C 155 -22.76 9.31 22.76
N THR C 156 -21.87 8.35 23.03
CA THR C 156 -21.71 7.75 24.36
C THR C 156 -23.01 7.12 24.85
N VAL C 157 -23.46 6.08 24.15
CA VAL C 157 -24.69 5.36 24.52
C VAL C 157 -24.35 3.89 24.74
N GLU C 158 -25.37 3.09 25.02
CA GLU C 158 -25.17 1.67 25.31
C GLU C 158 -25.57 0.83 24.09
N MET C 159 -25.24 1.30 22.90
CA MET C 159 -25.57 0.60 21.68
C MET C 159 -24.93 -0.79 21.68
N PRO C 160 -25.68 -1.85 21.33
CA PRO C 160 -25.10 -3.20 21.32
C PRO C 160 -24.08 -3.39 20.22
N VAL C 161 -23.39 -4.53 20.24
CA VAL C 161 -22.33 -4.79 19.25
C VAL C 161 -22.65 -6.06 18.45
N MET C 162 -22.10 -6.19 17.25
CA MET C 162 -22.25 -7.35 16.39
C MET C 162 -21.44 -8.53 16.93
N MET C 163 -22.00 -9.17 17.96
CA MET C 163 -21.28 -10.24 18.65
C MET C 163 -21.01 -11.42 17.73
N GLU C 164 -21.93 -11.72 16.81
CA GLU C 164 -21.74 -12.83 15.89
C GLU C 164 -20.58 -12.59 14.92
N ALA C 165 -20.08 -11.36 14.83
CA ALA C 165 -18.86 -11.10 14.08
C ALA C 165 -17.65 -11.82 14.67
N GLU C 166 -17.77 -12.32 15.90
CA GLU C 166 -16.75 -13.20 16.45
C GLU C 166 -16.57 -14.48 15.65
N ASN C 167 -17.55 -14.84 14.81
CA ASN C 167 -17.48 -16.07 14.04
C ASN C 167 -17.26 -15.82 12.54
N PHE C 168 -16.84 -14.63 12.15
CA PHE C 168 -16.55 -14.36 10.75
C PHE C 168 -15.23 -15.03 10.35
N THR C 169 -15.10 -15.29 9.05
CA THR C 169 -13.89 -15.86 8.49
C THR C 169 -13.32 -14.93 7.42
N ILE C 170 -12.00 -14.90 7.33
CA ILE C 170 -11.29 -14.08 6.35
C ILE C 170 -10.42 -15.00 5.51
N PHE C 171 -10.62 -14.97 4.19
CA PHE C 171 -9.81 -15.72 3.25
C PHE C 171 -8.78 -14.76 2.66
N ILE C 172 -7.51 -15.07 2.84
CA ILE C 172 -6.42 -14.23 2.40
C ILE C 172 -5.62 -15.00 1.36
N LYS C 173 -5.64 -14.52 0.12
CA LYS C 173 -4.82 -15.07 -0.95
C LYS C 173 -3.66 -14.11 -1.18
N ASN C 174 -2.46 -14.55 -0.84
CA ASN C 174 -1.26 -13.75 -0.95
C ASN C 174 -0.33 -14.36 -1.99
N SER C 175 0.06 -13.57 -2.98
CA SER C 175 0.98 -14.00 -4.02
C SER C 175 2.22 -13.11 -3.97
N ILE C 176 3.37 -13.72 -3.73
CA ILE C 176 4.62 -12.98 -3.60
C ILE C 176 5.57 -13.41 -4.71
N ARG C 177 6.50 -12.52 -5.04
CA ARG C 177 7.50 -12.79 -6.07
C ARG C 177 8.78 -12.07 -5.68
N PHE C 178 9.76 -12.84 -5.23
CA PHE C 178 11.10 -12.30 -5.02
C PHE C 178 11.72 -12.00 -6.37
N PRO C 179 12.08 -10.75 -6.65
CA PRO C 179 12.50 -10.39 -8.02
C PRO C 179 13.94 -10.76 -8.33
N LEU C 180 14.82 -10.69 -7.33
CA LEU C 180 16.24 -10.94 -7.58
C LEU C 180 16.47 -12.38 -8.06
N PHE C 181 15.81 -13.34 -7.42
CA PHE C 181 15.93 -14.75 -7.79
C PHE C 181 14.81 -15.21 -8.70
N ASN C 182 13.85 -14.34 -9.04
CA ASN C 182 12.69 -14.69 -9.84
C ASN C 182 11.98 -15.90 -9.23
N PHE C 183 11.42 -15.67 -8.05
CA PHE C 183 10.82 -16.74 -7.25
C PHE C 183 9.39 -16.35 -6.93
N GLU C 184 8.44 -16.99 -7.63
CA GLU C 184 7.02 -16.73 -7.43
C GLU C 184 6.41 -17.81 -6.55
N LYS C 185 5.57 -17.40 -5.60
CA LYS C 185 4.97 -18.35 -4.67
C LYS C 185 3.68 -17.76 -4.13
N GLY C 186 2.89 -18.63 -3.50
CA GLY C 186 1.65 -18.21 -2.86
C GLY C 186 1.39 -19.04 -1.62
N ASN C 187 0.50 -18.53 -0.77
CA ASN C 187 0.22 -19.19 0.50
C ASN C 187 -0.73 -20.37 0.37
N LEU C 188 -1.34 -20.57 -0.80
CA LEU C 188 -2.29 -21.67 -1.01
C LEU C 188 -1.51 -22.96 -1.29
N LEU C 189 -0.87 -23.47 -0.25
CA LEU C 189 -0.10 -24.70 -0.37
C LEU C 189 -1.06 -25.90 -0.35
N PRO C 190 -1.04 -26.74 -1.37
CA PRO C 190 -2.03 -27.83 -1.48
C PRO C 190 -1.67 -29.11 -0.72
N ASN C 191 -0.50 -29.20 -0.11
CA ASN C 191 -0.06 -30.43 0.54
C ASN C 191 -0.02 -30.31 2.06
N LEU C 192 0.69 -29.32 2.59
CA LEU C 192 0.83 -29.19 4.04
C LEU C 192 -0.26 -28.29 4.62
N ASP C 196 -10.41 -30.24 3.61
CA ASP C 196 -10.58 -29.29 2.53
C ASP C 196 -10.73 -27.88 3.08
N MET C 197 -10.99 -26.91 2.18
CA MET C 197 -11.15 -25.52 2.59
C MET C 197 -12.61 -25.20 2.85
N LYS C 198 -13.27 -26.02 3.68
CA LYS C 198 -14.66 -25.76 4.07
C LYS C 198 -14.88 -25.80 5.58
N THR C 199 -14.08 -26.54 6.34
CA THR C 199 -14.18 -26.55 7.79
C THR C 199 -12.85 -26.28 8.48
N CYS C 200 -11.78 -26.03 7.72
CA CYS C 200 -10.48 -25.75 8.32
C CYS C 200 -10.40 -24.30 8.78
N ARG C 201 -9.72 -24.10 9.89
CA ARG C 201 -9.42 -22.77 10.42
C ARG C 201 -7.92 -22.60 10.47
N PHE C 202 -7.47 -21.49 11.06
CA PHE C 202 -6.04 -21.25 11.26
C PHE C 202 -5.73 -21.36 12.74
N HIS C 203 -4.94 -22.37 13.09
CA HIS C 203 -4.43 -22.54 14.45
C HIS C 203 -2.94 -22.83 14.34
N PRO C 204 -2.08 -22.06 15.00
CA PRO C 204 -0.64 -22.24 14.82
C PRO C 204 -0.12 -23.58 15.31
N ASP C 205 -0.97 -24.35 15.99
CA ASP C 205 -0.59 -25.66 16.51
C ASP C 205 -1.08 -26.80 15.63
N LYS C 206 -2.38 -26.84 15.32
CA LYS C 206 -2.93 -27.96 14.56
C LYS C 206 -2.73 -27.78 13.06
N ALA C 207 -3.29 -26.73 12.48
CA ALA C 207 -3.22 -26.47 11.04
C ALA C 207 -2.73 -25.05 10.83
N PRO C 208 -1.41 -24.82 10.88
CA PRO C 208 -0.89 -23.46 10.77
C PRO C 208 -0.74 -22.99 9.33
N PHE C 209 -1.38 -23.69 8.39
CA PHE C 209 -1.22 -23.38 6.97
C PHE C 209 -2.49 -22.96 6.26
N CYS C 210 -3.66 -23.21 6.83
CA CYS C 210 -4.89 -22.81 6.19
C CYS C 210 -5.00 -21.28 6.15
N PRO C 211 -5.33 -20.68 5.00
CA PRO C 211 -5.42 -19.22 4.93
C PRO C 211 -6.68 -18.65 5.55
N ILE C 212 -7.63 -19.48 5.95
CA ILE C 212 -8.88 -19.00 6.53
C ILE C 212 -8.63 -18.64 7.99
N LEU C 213 -8.76 -17.35 8.31
CA LEU C 213 -8.52 -16.84 9.66
C LEU C 213 -9.85 -16.46 10.29
N ARG C 214 -10.16 -17.04 11.44
CA ARG C 214 -11.35 -16.64 12.16
C ARG C 214 -11.12 -15.30 12.85
N VAL C 215 -12.11 -14.42 12.76
CA VAL C 215 -11.97 -13.08 13.36
C VAL C 215 -11.78 -13.18 14.86
N GLY C 216 -12.57 -14.04 15.51
CA GLY C 216 -12.36 -14.29 16.93
C GLY C 216 -10.98 -14.83 17.22
N ASP C 217 -10.50 -15.74 16.37
CA ASP C 217 -9.15 -16.28 16.54
C ASP C 217 -8.09 -15.19 16.37
N VAL C 218 -8.28 -14.30 15.39
CA VAL C 218 -7.33 -13.22 15.17
C VAL C 218 -7.30 -12.28 16.37
N VAL C 219 -8.48 -11.95 16.92
CA VAL C 219 -8.52 -11.07 18.08
C VAL C 219 -7.88 -11.75 19.29
N LYS C 220 -8.15 -13.04 19.49
CA LYS C 220 -7.60 -13.74 20.64
C LYS C 220 -6.08 -13.87 20.54
N PHE C 221 -5.56 -14.14 19.35
CA PHE C 221 -4.12 -14.33 19.18
C PHE C 221 -3.34 -13.03 19.31
N ALA C 222 -4.03 -11.88 19.27
CA ALA C 222 -3.38 -10.59 19.47
C ALA C 222 -3.34 -10.18 20.94
N GLY C 223 -3.75 -11.05 21.84
CA GLY C 223 -3.79 -10.71 23.25
C GLY C 223 -4.80 -9.65 23.58
N GLN C 224 -5.98 -9.70 22.96
CA GLN C 224 -7.01 -8.69 23.14
C GLN C 224 -8.36 -9.36 23.39
N ASP C 225 -9.11 -8.83 24.36
CA ASP C 225 -10.48 -9.25 24.54
C ASP C 225 -11.34 -8.72 23.41
N PHE C 226 -12.23 -9.56 22.89
CA PHE C 226 -13.03 -9.16 21.73
C PHE C 226 -14.12 -8.16 22.09
N ALA C 227 -14.70 -8.26 23.29
CA ALA C 227 -15.81 -7.38 23.65
C ALA C 227 -15.39 -5.92 23.66
N LYS C 228 -14.31 -5.61 24.39
CA LYS C 228 -13.84 -4.22 24.44
C LYS C 228 -13.35 -3.74 23.08
N LEU C 229 -12.65 -4.60 22.34
CA LEU C 229 -12.14 -4.21 21.04
C LEU C 229 -13.28 -3.88 20.08
N ALA C 230 -14.36 -4.66 20.11
CA ALA C 230 -15.50 -4.38 19.25
C ALA C 230 -16.27 -3.15 19.73
N ARG C 231 -16.34 -2.94 21.05
CA ARG C 231 -17.11 -1.83 21.58
C ARG C 231 -16.43 -0.49 21.30
N THR C 232 -15.11 -0.43 21.43
CA THR C 232 -14.40 0.83 21.22
C THR C 232 -13.70 0.94 19.87
N GLY C 233 -13.37 -0.19 19.25
CA GLY C 233 -12.69 -0.13 17.97
C GLY C 233 -11.19 -0.27 18.11
N GLY C 234 -10.55 -0.75 17.05
CA GLY C 234 -9.11 -0.93 17.06
C GLY C 234 -8.62 -1.29 15.67
N VAL C 235 -7.30 -1.21 15.51
CA VAL C 235 -6.65 -1.48 14.23
C VAL C 235 -5.74 -2.68 14.44
N LEU C 236 -6.27 -3.88 14.17
CA LEU C 236 -5.45 -5.07 14.24
C LEU C 236 -4.57 -5.18 12.99
N GLY C 237 -3.62 -6.11 13.04
CA GLY C 237 -2.73 -6.30 11.93
C GLY C 237 -2.28 -7.74 11.76
N ILE C 238 -2.43 -8.27 10.56
CA ILE C 238 -2.03 -9.63 10.23
C ILE C 238 -0.79 -9.53 9.35
N LYS C 239 0.31 -10.12 9.83
CA LYS C 239 1.59 -10.09 9.14
C LYS C 239 1.88 -11.47 8.56
N ILE C 240 2.23 -11.50 7.26
CA ILE C 240 2.57 -12.75 6.59
C ILE C 240 4.06 -12.74 6.28
N GLY C 241 4.87 -13.29 7.19
CA GLY C 241 6.29 -13.34 6.98
C GLY C 241 6.64 -14.42 5.98
N TRP C 242 7.19 -14.03 4.83
CA TRP C 242 7.64 -14.96 3.81
C TRP C 242 9.15 -15.14 3.95
N VAL C 243 9.54 -15.89 4.96
CA VAL C 243 10.96 -16.21 5.20
C VAL C 243 11.21 -17.60 4.65
N CYS C 244 12.09 -17.68 3.65
CA CYS C 244 12.34 -18.93 2.96
C CYS C 244 13.82 -19.07 2.65
N ASP C 245 14.26 -20.31 2.50
CA ASP C 245 15.63 -20.65 2.12
C ASP C 245 15.56 -21.30 0.75
N LEU C 246 15.88 -20.54 -0.30
CA LEU C 246 15.71 -21.01 -1.66
C LEU C 246 16.70 -22.12 -2.04
N ASP C 247 17.73 -22.36 -1.23
CA ASP C 247 18.63 -23.46 -1.52
C ASP C 247 17.95 -24.82 -1.37
N ARG C 248 16.87 -24.90 -0.62
CA ARG C 248 16.10 -26.13 -0.47
C ARG C 248 15.10 -26.24 -1.63
N ALA C 249 14.15 -27.17 -1.52
CA ALA C 249 13.18 -27.39 -2.57
C ALA C 249 12.16 -26.25 -2.61
N TRP C 250 11.37 -26.24 -3.68
CA TRP C 250 10.35 -25.21 -3.85
C TRP C 250 9.25 -25.32 -2.80
N ASP C 251 8.90 -26.53 -2.39
CA ASP C 251 7.84 -26.73 -1.41
C ASP C 251 8.25 -26.29 0.00
N GLN C 252 9.54 -26.08 0.25
CA GLN C 252 9.98 -25.70 1.59
C GLN C 252 9.64 -24.27 1.93
N CYS C 253 9.55 -23.39 0.95
CA CYS C 253 9.22 -21.99 1.19
C CYS C 253 7.78 -21.89 1.68
N ILE C 254 7.61 -21.52 2.95
CA ILE C 254 6.29 -21.50 3.57
C ILE C 254 6.07 -20.15 4.25
N PRO C 255 4.84 -19.66 4.33
CA PRO C 255 4.58 -18.40 5.04
C PRO C 255 4.21 -18.62 6.50
N LYS C 256 4.56 -17.63 7.32
CA LYS C 256 4.25 -17.65 8.74
C LYS C 256 3.33 -16.50 9.07
N TYR C 257 2.19 -16.80 9.69
CA TYR C 257 1.21 -15.79 10.03
C TYR C 257 1.40 -15.34 11.48
N SER C 258 1.40 -14.03 11.69
CA SER C 258 1.46 -13.44 13.02
C SER C 258 0.42 -12.33 13.12
N PHE C 259 0.06 -11.98 14.36
CA PHE C 259 -0.97 -10.99 14.59
C PHE C 259 -0.49 -10.00 15.65
N THR C 260 -0.94 -8.75 15.51
CA THR C 260 -0.56 -7.70 16.45
C THR C 260 -1.63 -6.62 16.44
N ARG C 261 -1.45 -5.62 17.30
CA ARG C 261 -2.29 -4.43 17.33
C ARG C 261 -1.42 -3.21 17.13
N LEU C 262 -1.84 -2.31 16.23
CA LEU C 262 -1.05 -1.15 15.86
C LEU C 262 -1.78 0.15 16.18
N ASP C 263 -2.59 0.15 17.23
CA ASP C 263 -3.32 1.34 17.69
C ASP C 263 -3.19 1.49 19.19
N GLY C 264 -1.96 1.32 19.70
CA GLY C 264 -1.70 1.49 21.11
C GLY C 264 -0.88 2.73 21.40
N VAL C 265 -1.42 3.62 22.23
CA VAL C 265 -0.73 4.88 22.53
C VAL C 265 0.38 4.66 23.55
N SER C 266 0.03 4.16 24.72
CA SER C 266 1.01 3.91 25.77
C SER C 266 0.48 2.89 26.78
N SER C 272 -7.94 9.27 23.62
CA SER C 272 -9.06 8.34 23.53
C SER C 272 -8.78 7.25 22.52
N PRO C 273 -8.34 6.07 22.99
CA PRO C 273 -8.07 4.97 22.07
C PRO C 273 -9.33 4.49 21.38
N GLY C 274 -9.16 4.03 20.13
CA GLY C 274 -10.28 3.54 19.36
C GLY C 274 -10.12 3.77 17.87
N TYR C 275 -11.14 3.37 17.10
CA TYR C 275 -11.10 3.54 15.64
C TYR C 275 -12.54 3.74 15.18
N ASN C 276 -12.93 4.99 14.97
CA ASN C 276 -14.28 5.35 14.53
C ASN C 276 -14.19 6.19 13.27
N PHE C 277 -15.10 5.93 12.33
CA PHE C 277 -15.12 6.71 11.10
C PHE C 277 -16.56 6.84 10.62
N ARG C 278 -16.83 7.93 9.89
CA ARG C 278 -18.20 8.36 9.63
C ARG C 278 -18.46 8.46 8.14
N PHE C 279 -19.62 7.95 7.72
CA PHE C 279 -20.14 8.15 6.37
C PHE C 279 -21.25 9.20 6.40
N ALA C 280 -21.37 9.96 5.32
CA ALA C 280 -22.42 10.95 5.15
C ALA C 280 -23.20 10.63 3.89
N LYS C 281 -24.53 10.56 4.02
CA LYS C 281 -25.42 10.36 2.87
C LYS C 281 -26.33 11.58 2.78
N TYR C 282 -26.33 12.23 1.63
CA TYR C 282 -27.04 13.48 1.44
C TYR C 282 -28.29 13.27 0.58
N TYR C 283 -29.33 14.04 0.88
CA TYR C 283 -30.52 14.07 0.06
C TYR C 283 -31.20 15.41 0.21
N LYS C 284 -31.84 15.87 -0.87
CA LYS C 284 -32.54 17.15 -0.91
C LYS C 284 -34.01 16.86 -1.26
N MET C 285 -34.88 16.93 -0.25
CA MET C 285 -36.30 16.72 -0.48
C MET C 285 -36.90 17.93 -1.21
N GLU C 286 -37.99 17.68 -1.92
CA GLU C 286 -38.53 18.66 -2.87
C GLU C 286 -39.02 19.93 -2.20
N ASN C 287 -39.20 19.90 -0.88
CA ASN C 287 -39.66 21.07 -0.13
C ASN C 287 -38.51 21.99 0.27
N GLY C 288 -37.38 21.87 -0.44
CA GLY C 288 -36.33 22.87 -0.46
C GLY C 288 -35.15 22.68 0.47
N SER C 289 -35.39 22.13 1.65
CA SER C 289 -34.33 22.01 2.65
C SER C 289 -33.29 20.97 2.22
N GLU C 290 -32.05 21.19 2.64
CA GLU C 290 -30.95 20.28 2.36
C GLU C 290 -30.64 19.48 3.61
N TYR C 291 -30.69 18.15 3.49
CA TYR C 291 -30.55 17.25 4.62
C TYR C 291 -29.27 16.43 4.51
N ARG C 292 -29.00 15.67 5.57
CA ARG C 292 -27.81 14.80 5.63
C ARG C 292 -27.95 13.81 6.77
N THR C 293 -27.68 12.54 6.50
CA THR C 293 -27.65 11.53 7.54
C THR C 293 -26.23 11.03 7.74
N LEU C 294 -25.83 10.92 9.01
CA LEU C 294 -24.45 10.64 9.39
C LEU C 294 -24.41 9.32 10.13
N LEU C 295 -23.58 8.39 9.64
CA LEU C 295 -23.44 7.06 10.20
C LEU C 295 -22.03 6.94 10.77
N LYS C 296 -21.92 6.83 12.10
CA LYS C 296 -20.65 6.68 12.77
C LYS C 296 -20.42 5.19 13.03
N ALA C 297 -19.33 4.65 12.49
CA ALA C 297 -19.03 3.23 12.56
C ALA C 297 -17.81 3.01 13.44
N PHE C 298 -17.96 2.13 14.43
CA PHE C 298 -16.86 1.62 15.25
C PHE C 298 -16.58 0.22 14.72
N GLY C 299 -15.41 0.04 14.12
CA GLY C 299 -15.03 -1.22 13.53
C GLY C 299 -13.68 -1.72 14.01
N ILE C 300 -13.28 -2.85 13.47
CA ILE C 300 -12.00 -3.48 13.77
C ILE C 300 -11.25 -3.55 12.44
N ARG C 301 -10.44 -2.54 12.15
CA ARG C 301 -9.73 -2.49 10.88
C ARG C 301 -8.58 -3.48 10.89
N PHE C 302 -8.50 -4.28 9.82
CA PHE C 302 -7.45 -5.29 9.67
C PHE C 302 -6.45 -4.82 8.62
N ASP C 303 -5.17 -4.84 8.99
CA ASP C 303 -4.08 -4.50 8.08
C ASP C 303 -3.30 -5.77 7.76
N VAL C 304 -3.09 -6.04 6.48
CA VAL C 304 -2.32 -7.19 6.03
C VAL C 304 -0.97 -6.67 5.56
N LEU C 305 0.09 -7.03 6.28
CA LEU C 305 1.44 -6.59 5.99
C LEU C 305 2.27 -7.80 5.57
N VAL C 306 2.93 -7.69 4.42
CA VAL C 306 3.72 -8.78 3.87
C VAL C 306 5.19 -8.41 3.97
N TYR C 307 5.97 -9.28 4.62
CA TYR C 307 7.41 -9.09 4.79
C TYR C 307 8.11 -10.36 4.35
N GLY C 308 9.25 -10.19 3.69
CA GLY C 308 9.98 -11.33 3.16
C GLY C 308 11.47 -11.12 3.29
N ASN C 309 12.20 -12.24 3.38
CA ASN C 309 13.66 -12.21 3.47
C ASN C 309 14.16 -13.54 2.92
N ALA C 310 14.67 -13.52 1.69
CA ALA C 310 15.05 -14.75 0.99
C ALA C 310 16.54 -14.74 0.70
N GLY C 311 17.23 -15.80 1.11
CA GLY C 311 18.65 -15.90 0.87
C GLY C 311 19.02 -16.98 -0.11
N LYS C 312 19.80 -16.64 -1.13
CA LYS C 312 20.23 -17.59 -2.15
C LYS C 312 21.75 -17.58 -2.26
N PHE C 313 22.32 -18.77 -2.45
CA PHE C 313 23.77 -18.89 -2.55
C PHE C 313 24.29 -18.14 -3.78
N ASN C 314 25.35 -17.37 -3.57
CA ASN C 314 25.99 -16.63 -4.66
C ASN C 314 27.50 -16.76 -4.53
N ILE C 315 28.18 -16.67 -5.68
CA ILE C 315 29.61 -16.91 -5.71
C ILE C 315 30.38 -15.83 -4.94
N ILE C 316 30.02 -14.56 -5.15
CA ILE C 316 30.78 -13.47 -4.53
C ILE C 316 30.74 -13.51 -3.02
N PRO C 317 29.56 -13.58 -2.35
CA PRO C 317 29.57 -13.70 -0.89
C PRO C 317 30.27 -14.94 -0.40
N THR C 318 30.18 -16.05 -1.14
CA THR C 318 30.88 -17.27 -0.73
C THR C 318 32.40 -17.05 -0.72
N ILE C 319 32.92 -16.41 -1.77
CA ILE C 319 34.35 -16.14 -1.84
C ILE C 319 34.77 -15.19 -0.73
N ILE C 320 33.96 -14.14 -0.50
CA ILE C 320 34.29 -13.17 0.54
C ILE C 320 34.34 -13.86 1.91
N SER C 321 33.33 -14.69 2.20
CA SER C 321 33.26 -15.39 3.48
C SER C 321 34.41 -16.38 3.63
N SER C 322 34.76 -17.09 2.55
CA SER C 322 35.85 -18.05 2.63
C SER C 322 37.18 -17.33 2.91
N VAL C 323 37.41 -16.20 2.24
CA VAL C 323 38.64 -15.45 2.47
C VAL C 323 38.70 -14.95 3.91
N ALA C 324 37.59 -14.40 4.40
CA ALA C 324 37.56 -13.91 5.77
C ALA C 324 37.77 -15.04 6.76
N ALA C 325 37.18 -16.21 6.52
CA ALA C 325 37.35 -17.35 7.40
C ALA C 325 38.79 -17.81 7.40
N PHE C 326 39.44 -17.84 6.24
CA PHE C 326 40.84 -18.24 6.18
C PHE C 326 41.71 -17.28 6.98
N THR C 327 41.49 -15.97 6.81
CA THR C 327 42.28 -15.00 7.54
C THR C 327 42.02 -15.08 9.05
N SER C 328 40.77 -15.29 9.45
CA SER C 328 40.44 -15.42 10.86
C SER C 328 41.07 -16.67 11.47
N VAL C 329 41.08 -17.77 10.72
CA VAL C 329 41.73 -18.98 11.19
C VAL C 329 43.23 -18.76 11.36
N GLY C 330 43.84 -18.05 10.40
CA GLY C 330 45.25 -17.72 10.53
C GLY C 330 45.53 -16.86 11.75
N VAL C 331 44.69 -15.87 12.01
CA VAL C 331 44.86 -15.02 13.19
C VAL C 331 44.71 -15.83 14.46
N GLY C 332 43.71 -16.73 14.49
CA GLY C 332 43.52 -17.58 15.65
C GLY C 332 44.70 -18.50 15.91
N THR C 333 45.28 -19.05 14.84
CA THR C 333 46.47 -19.88 15.00
C THR C 333 47.65 -19.05 15.50
N VAL C 334 47.78 -17.81 15.02
CA VAL C 334 48.87 -16.94 15.47
C VAL C 334 48.70 -16.61 16.95
N LEU C 335 47.46 -16.47 17.41
CA LEU C 335 47.22 -16.14 18.81
C LEU C 335 47.31 -17.37 19.72
N CYS C 336 47.01 -18.56 19.20
CA CYS C 336 46.86 -19.74 20.04
C CYS C 336 48.19 -20.19 20.63
N ASP C 337 49.24 -20.25 19.81
CA ASP C 337 50.54 -20.66 20.32
C ASP C 337 51.05 -19.66 21.36
N ILE C 338 50.82 -18.37 21.13
CA ILE C 338 51.24 -17.34 22.08
C ILE C 338 50.52 -17.52 23.41
N ILE C 339 49.19 -17.68 23.36
CA ILE C 339 48.42 -17.79 24.60
C ILE C 339 48.73 -19.09 25.31
N LEU C 340 49.08 -20.15 24.58
CA LEU C 340 49.43 -21.41 25.22
C LEU C 340 50.81 -21.34 25.87
N LEU C 341 51.79 -20.74 25.18
CA LEU C 341 53.12 -20.63 25.74
C LEU C 341 53.15 -19.71 26.95
N ASN C 342 52.46 -18.57 26.87
CA ASN C 342 52.44 -17.63 27.98
C ASN C 342 51.39 -17.97 29.04
N PHE C 343 50.50 -18.92 28.76
CA PHE C 343 49.46 -19.34 29.71
C PHE C 343 48.59 -18.17 30.16
N LEU C 344 48.37 -17.21 29.26
CA LEU C 344 47.57 -16.04 29.58
C LEU C 344 47.08 -15.35 28.31
C1 NAG D . -5.87 30.12 9.87
C2 NAG D . -6.66 31.29 9.28
C3 NAG D . -5.93 32.61 9.57
C4 NAG D . -5.57 32.74 11.04
C5 NAG D . -4.81 31.48 11.48
C6 NAG D . -4.38 31.46 12.93
C7 NAG D . -7.98 31.22 7.20
C8 NAG D . -7.89 31.00 5.71
N2 NAG D . -6.82 31.11 7.86
O3 NAG D . -6.76 33.65 9.14
O4 NAG D . -4.78 33.89 11.16
O5 NAG D . -5.63 30.36 11.24
O6 NAG D . -5.49 31.72 13.75
O7 NAG D . -9.05 31.48 7.73
C1 NAG D . -5.38 34.79 12.12
C2 NAG D . -4.70 36.16 11.99
C3 NAG D . -5.32 37.13 12.97
C4 NAG D . -6.83 37.17 12.80
C5 NAG D . -7.39 35.74 12.87
C6 NAG D . -8.89 35.65 12.67
C7 NAG D . -2.36 36.01 11.21
C8 NAG D . -0.93 35.89 11.68
N2 NAG D . -3.28 36.04 12.19
O3 NAG D . -4.74 38.40 12.76
O4 NAG D . -7.36 37.98 13.83
O5 NAG D . -6.76 34.94 11.89
O6 NAG D . -9.55 36.35 13.70
O7 NAG D . -2.64 36.08 10.02
C1 NAG E . -11.25 -1.47 -30.20
C2 NAG E . -12.52 -2.08 -30.83
C3 NAG E . -12.18 -2.69 -32.19
C4 NAG E . -11.40 -1.72 -33.07
C5 NAG E . -10.19 -1.20 -32.29
C6 NAG E . -9.33 -0.21 -33.04
C7 NAG E . -14.38 -3.14 -29.59
C8 NAG E . -14.72 -4.29 -28.68
N2 NAG E . -13.08 -3.08 -29.96
O3 NAG E . -13.39 -3.08 -32.80
O4 NAG E . -11.02 -2.43 -34.22
O5 NAG E . -10.66 -0.58 -31.10
O6 NAG E . -10.12 0.84 -33.54
O7 NAG E . -15.21 -2.34 -29.95
C1 NAG E . -11.51 -1.75 -35.40
C2 NAG E . -11.37 -2.71 -36.59
C3 NAG E . -11.90 -2.03 -37.85
C4 NAG E . -13.32 -1.51 -37.61
C5 NAG E . -13.35 -0.64 -36.36
C6 NAG E . -14.72 -0.10 -36.01
C7 NAG E . -9.51 -4.30 -36.35
C8 NAG E . -8.05 -4.51 -36.64
N2 NAG E . -10.01 -3.11 -36.76
O3 NAG E . -11.85 -2.96 -38.90
O4 NAG E . -13.69 -0.77 -38.77
O5 NAG E . -12.87 -1.38 -35.25
O6 NAG E . -15.18 0.74 -37.04
O7 NAG E . -10.18 -5.16 -35.80
C1 NAG F . -19.64 -18.70 17.42
C2 NAG F . -20.80 -18.41 18.39
C3 NAG F . -20.76 -19.41 19.56
C4 NAG F . -20.66 -20.84 19.06
C5 NAG F . -19.49 -20.96 18.09
C6 NAG F . -19.27 -22.34 17.51
C7 NAG F . -21.70 -16.17 18.92
C8 NAG F . -21.35 -14.83 19.51
N2 NAG F . -20.70 -17.06 18.90
O3 NAG F . -21.92 -19.21 20.33
O4 NAG F . -20.49 -21.65 20.20
O5 NAG F . -19.70 -20.05 17.02
O6 NAG F . -20.47 -22.81 16.95
O7 NAG F . -22.82 -16.41 18.50
C1 NAG F . -21.53 -22.66 20.24
C2 NAG F . -21.52 -23.29 21.64
C3 NAG F . -22.62 -24.35 21.73
C4 NAG F . -23.96 -23.74 21.34
C5 NAG F . -23.84 -23.06 19.96
C6 NAG F . -25.10 -22.39 19.49
C7 NAG F . -19.28 -23.29 22.69
C8 NAG F . -18.01 -24.09 22.83
N2 NAG F . -20.23 -23.87 21.92
O3 NAG F . -22.64 -24.84 23.05
O4 NAG F . -24.91 -24.79 21.31
O5 NAG F . -22.80 -22.09 20.02
O6 NAG F . -26.12 -23.35 19.32
O7 NAG F . -19.43 -22.21 23.23
C10 A1AQX G . -20.72 12.71 -2.15
C01 A1AQX G . -19.47 15.65 -0.27
C02 A1AQX G . -20.03 16.94 0.37
C03 A1AQX G . -20.45 15.08 -1.31
C04 A1AQX G . -19.62 18.25 -0.36
C05 A1AQX G . -18.45 13.78 -2.14
C06 A1AQX G . -17.64 14.63 -1.15
C07 A1AQX G . -20.47 18.85 -1.09
C08 A1AQX G . -18.48 19.91 -1.00
C09 A1AQX G . -21.92 18.43 -1.40
C11 A1AQX G . -17.29 18.37 0.53
C12 A1AQX G . -17.31 20.71 -1.06
C13 A1AQX G . -16.15 20.32 -0.33
C14 A1AQX G . -16.16 19.13 0.47
C15 A1AQX G . -22.25 17.90 -2.80
C16 A1AQX G . -22.87 18.51 -0.49
C17 A1AQX G . -14.90 21.19 -0.39
C18 A1AQX G . -23.49 17.54 -3.11
C19 A1AQX G . -24.30 18.08 -0.83
C20 A1AQX G . -24.59 17.63 -2.04
C21 A1AQX G . -22.79 11.85 -2.90
C22 A1AQX G . -26.02 17.22 -2.35
C23 A1AQX G . -28.42 17.01 -1.55
F01 A1AQX G . -21.26 17.82 -3.75
F02 A1AQX G . -22.58 18.98 0.76
N01 A1AQX G . -19.88 13.85 -1.86
N02 A1AQX G . -18.43 18.73 -0.20
N03 A1AQX G . -19.85 20.00 -1.61
N04 A1AQX G . -27.03 17.39 -1.31
O01 A1AQX G . -18.26 15.86 -0.90
O02 A1AQX G . -22.12 12.86 -2.19
O03 A1AQX G . -20.23 11.65 -2.36
O04 A1AQX G . -26.31 16.76 -3.42
C1 NAG H . -40.06 12.98 -15.51
C2 NAG H . -40.08 13.28 -17.01
C3 NAG H . -38.98 14.30 -17.36
C4 NAG H . -38.97 15.50 -16.41
C5 NAG H . -38.91 14.99 -14.97
C6 NAG H . -38.90 16.09 -13.94
C7 NAG H . -40.79 11.26 -18.21
C8 NAG H . -40.28 10.04 -18.94
N2 NAG H . -39.83 12.07 -17.73
O3 NAG H . -39.18 14.69 -18.70
O4 NAG H . -37.85 16.27 -16.75
O5 NAG H . -40.04 14.18 -14.76
O6 NAG H . -39.21 15.56 -12.68
O7 NAG H . -41.99 11.46 -18.09
C10 A1AQX I . -23.11 2.34 -7.55
C01 A1AQX I . -22.28 2.13 -11.15
C02 A1AQX I . -22.96 2.37 -12.51
C03 A1AQX I . -23.32 1.96 -10.04
C04 A1AQX I . -23.23 1.09 -13.34
C05 A1AQX I . -21.41 0.92 -8.74
C06 A1AQX I . -20.62 1.02 -10.05
C07 A1AQX I . -24.42 0.63 -13.40
C08 A1AQX I . -22.96 -0.59 -14.60
C09 A1AQX I . -25.70 1.19 -12.72
C11 A1AQX I . -20.91 0.73 -14.14
C12 A1AQX I . -22.19 -1.47 -15.39
C13 A1AQX I . -20.78 -1.23 -15.54
C14 A1AQX I . -20.16 -0.12 -14.91
C15 A1AQX I . -26.30 0.42 -11.54
C16 A1AQX I . -26.27 2.31 -13.13
C17 A1AQX I . -19.95 -2.19 -16.41
C18 A1AQX I . -27.38 0.87 -10.93
C19 A1AQX I . -27.52 2.83 -12.42
C20 A1AQX I . -28.03 2.17 -11.40
C21 A1AQX I . -24.93 2.99 -6.21
C22 A1AQX I . -29.28 2.72 -10.73
C23 A1AQX I . -31.09 4.50 -10.67
F01 A1AQX I . -25.71 -0.74 -11.12
F02 A1AQX I . -25.73 3.01 -14.17
N01 A1AQX I . -22.61 1.75 -8.78
N02 A1AQX I . -22.28 0.50 -13.98
N03 A1AQX I . -24.40 -0.52 -14.21
N04 A1AQX I . -29.89 3.94 -11.27
O01 A1AQX I . -21.46 1.00 -11.17
O02 A1AQX I . -24.41 2.88 -7.51
O03 A1AQX I . -22.42 2.38 -6.59
O04 A1AQX I . -29.76 2.18 -9.78
C1 NAG J . -44.87 0.03 1.02
C2 NAG J . -45.48 -1.30 1.49
C3 NAG J . -44.95 -2.47 0.66
C4 NAG J . -44.98 -2.19 -0.84
C5 NAG J . -44.29 -0.86 -1.11
C6 NAG J . -44.29 -0.47 -2.58
C7 NAG J . -45.89 -1.15 3.91
C8 NAG J . -45.31 -1.48 5.26
N2 NAG J . -45.13 -1.51 2.87
O3 NAG J . -45.69 -3.61 1.00
O4 NAG J . -44.34 -3.26 -1.47
O5 NAG J . -44.97 0.13 -0.38
O6 NAG J . -43.96 0.89 -2.71
O7 NAG J . -46.99 -0.61 3.82
C10 A1AQX K . -23.79 3.22 4.37
C01 A1AQX K . -24.19 0.04 6.23
C02 A1AQX K . -25.32 -0.85 6.76
C03 A1AQX K . -24.69 1.46 5.95
C04 A1AQX K . -25.45 -0.88 8.31
C05 A1AQX K . -22.24 2.07 5.98
C06 A1AQX K . -22.00 0.63 6.45
C07 A1AQX K . -26.39 -0.23 8.87
C08 A1AQX K . -25.10 -1.34 10.34
C09 A1AQX K . -27.47 0.67 8.19
C11 A1AQX K . -23.54 -2.40 8.75
C12 A1AQX K . -24.41 -1.97 11.40
C13 A1AQX K . -23.29 -2.81 11.12
C14 A1AQX K . -22.86 -3.02 9.77
C15 A1AQX K . -27.36 2.19 8.36
C16 A1AQX K . -28.45 0.13 7.49
C17 A1AQX K . -22.54 -3.49 12.27
C18 A1AQX K . -28.26 2.98 7.79
C19 A1AQX K . -29.49 1.05 6.84
C20 A1AQX K . -29.41 2.36 6.98
C21 A1AQX K . -25.16 4.85 3.36
C22 A1AQX K . -30.47 3.24 6.31
C23 A1AQX K . -32.60 3.37 4.95
F01 A1AQX K . -26.34 2.72 9.08
F02 A1AQX K . -28.54 -1.22 7.35
N01 A1AQX K . -23.57 2.25 5.43
N02 A1AQX K . -24.64 -1.58 9.02
N03 A1AQX K . -26.28 -0.42 10.26
N04 A1AQX K . -31.55 2.59 5.60
O01 A1AQX K . -23.12 0.13 7.11
O02 A1AQX K . -25.10 3.62 4.03
O03 A1AQX K . -22.86 3.68 3.78
O04 A1AQX K . -30.40 4.43 6.37
C1 NAG L . -39.56 20.63 4.67
C2 NAG L . -39.54 21.81 5.64
C3 NAG L . -38.97 21.38 7.00
C4 NAG L . -39.60 20.08 7.50
C5 NAG L . -39.49 19.02 6.41
C6 NAG L . -40.09 17.68 6.79
C7 NAG L . -39.14 23.89 4.38
C8 NAG L . -38.06 24.84 3.93
N2 NAG L . -38.70 22.85 5.11
O3 NAG L . -39.16 22.44 7.91
O4 NAG L . -38.90 19.70 8.67
O5 NAG L . -40.16 19.52 5.28
O6 NAG L . -40.27 16.90 5.64
O7 NAG L . -40.31 24.07 4.08
#